data_4ZHG
#
_entry.id   4ZHG
#
_cell.length_a   107.733
_cell.length_b   117.693
_cell.length_c   121.225
_cell.angle_alpha   90.000
_cell.angle_beta   90.000
_cell.angle_gamma   90.000
#
_symmetry.space_group_name_H-M   'P 21 21 21'
#
loop_
_entity.id
_entity.type
_entity.pdbx_description
1 polymer 'Neutrophil gelatinase-associated lipocalin'
2 non-polymer 'AMERICIUM ION'
3 non-polymer "N,N'-butane-1,4-diylbis[1-hydroxy-N-(3-{[(1-hydroxy-6-oxo-1,6-dihydropyridin-2-yl)carbonyl]amino}propyl)-6-oxo-1,6-dihydropyridine-2-carboxamide]"
4 non-polymer GLYCEROL
5 non-polymer 'CHLORIDE ION'
6 non-polymer 'SULFATE ION'
7 water water
#
_entity_poly.entity_id   1
_entity_poly.type   'polypeptide(L)'
_entity_poly.pdbx_seq_one_letter_code
;GSQDSTSDLIPAPPLSKVPLQQNFQDNQFQGKWYVVGLAGNAILREDKDPQKMYATIYELKEDKSYNVTSVLFRKKKCDY
WIRTFVPGSQPGEFTLGNIKSYPGLTSYLVRVVSTNYNQHAMVFFKKVSQNREYFKITLYGRTKELTSELKENFIRFSKS
LGLPENHIVFPVPIDQCIDG
;
_entity_poly.pdbx_strand_id   A,B,C,D,E,F
#
loop_
_chem_comp.id
_chem_comp.type
_chem_comp.name
_chem_comp.formula
4OL non-polymer N,N'-butane-1,4-diylbis[1-hydroxy-N-(3-{[(1-hydroxy-6-oxo-1,6-dihydropyridin-2-yl)carbonyl]amino}propyl)-6-oxo-1,6-dihydropyridine-2-carboxamide] 'C34 H38 N8 O12'
AM non-polymer 'AMERICIUM ION' 'Am 3'
CL non-polymer 'CHLORIDE ION' 'Cl -1'
GOL non-polymer GLYCEROL 'C3 H8 O3'
SO4 non-polymer 'SULFATE ION' 'O4 S -2'
#
# COMPACT_ATOMS: atom_id res chain seq x y z
N ASP A 4 56.44 -18.68 -9.63
CA ASP A 4 57.44 -18.06 -10.54
C ASP A 4 56.89 -16.81 -11.21
N SER A 5 57.64 -15.72 -11.12
CA SER A 5 57.23 -14.44 -11.69
C SER A 5 58.38 -13.43 -11.70
N THR A 6 58.16 -12.37 -12.48
CA THR A 6 58.90 -11.13 -12.32
C THR A 6 57.87 -10.04 -12.06
N SER A 7 58.24 -9.04 -11.27
CA SER A 7 57.44 -7.86 -11.10
C SER A 7 58.34 -6.71 -10.68
N ASP A 8 57.84 -5.48 -10.82
CA ASP A 8 58.62 -4.28 -10.50
C ASP A 8 57.74 -3.31 -9.74
N LEU A 9 58.23 -2.82 -8.61
CA LEU A 9 57.41 -1.99 -7.76
C LEU A 9 58.13 -0.70 -7.40
N ILE A 10 57.36 0.38 -7.30
CA ILE A 10 57.84 1.60 -6.67
C ILE A 10 58.18 1.29 -5.22
N PRO A 11 59.39 1.65 -4.78
CA PRO A 11 59.84 1.35 -3.43
C PRO A 11 58.95 1.98 -2.35
N ALA A 12 58.75 1.28 -1.24
CA ALA A 12 58.02 1.84 -0.10
C ALA A 12 58.76 3.04 0.48
N PRO A 13 58.01 4.09 0.93
CA PRO A 13 58.68 5.26 1.50
C PRO A 13 59.25 4.90 2.87
N PRO A 14 60.28 5.63 3.33
CA PRO A 14 60.63 5.49 4.74
C PRO A 14 59.48 5.93 5.66
N LEU A 15 59.36 5.28 6.81
CA LEU A 15 58.26 5.55 7.71
C LEU A 15 58.29 6.96 8.28
N SER A 16 59.45 7.59 8.23
CA SER A 16 59.57 8.97 8.69
C SER A 16 58.74 9.91 7.85
N LYS A 17 58.39 9.51 6.62
CA LYS A 17 57.58 10.36 5.78
C LYS A 17 56.08 10.14 5.97
N VAL A 18 55.72 9.24 6.88
CA VAL A 18 54.32 8.91 7.09
C VAL A 18 53.90 9.37 8.49
N PRO A 19 53.24 10.55 8.57
CA PRO A 19 52.79 11.06 9.85
C PRO A 19 51.83 10.11 10.56
N LEU A 20 51.82 10.25 11.88
CA LEU A 20 50.87 9.54 12.70
C LEU A 20 49.89 10.53 13.30
N GLN A 21 48.60 10.24 13.25
CA GLN A 21 47.60 11.12 13.88
C GLN A 21 47.88 11.34 15.37
N GLN A 22 48.03 12.59 15.79
CA GLN A 22 48.29 12.91 17.22
C GLN A 22 47.09 12.55 18.10
N ASN A 23 47.38 12.02 19.30
CA ASN A 23 46.36 11.74 20.31
C ASN A 23 45.26 10.84 19.73
N PHE A 24 45.65 9.78 19.02
CA PHE A 24 44.67 8.94 18.35
C PHE A 24 43.66 8.39 19.35
N GLN A 25 42.38 8.46 18.99
CA GLN A 25 41.31 8.04 19.86
C GLN A 25 40.64 6.77 19.29
N ASP A 26 40.97 5.60 19.86
CA ASP A 26 40.60 4.34 19.22
C ASP A 26 39.08 4.12 19.20
N ASN A 27 38.41 4.54 20.26
CA ASN A 27 36.97 4.38 20.32
C ASN A 27 36.23 5.19 19.27
N GLN A 28 36.71 6.39 18.99
CA GLN A 28 36.05 7.33 18.08
C GLN A 28 36.23 6.93 16.62
N PHE A 29 37.25 6.12 16.36
CA PHE A 29 37.54 5.69 15.00
C PHE A 29 36.63 4.53 14.53
N GLN A 30 35.93 3.94 15.48
CA GLN A 30 35.05 2.79 15.21
C GLN A 30 33.92 3.08 14.20
N GLY A 31 33.32 2.02 13.67
CA GLY A 31 32.14 2.12 12.81
C GLY A 31 32.52 1.99 11.34
N LYS A 32 31.64 2.45 10.47
CA LYS A 32 31.81 2.24 9.04
C LYS A 32 32.51 3.40 8.36
N TRP A 33 33.48 3.07 7.51
CA TRP A 33 34.15 4.03 6.65
C TRP A 33 34.01 3.56 5.20
N TYR A 34 33.77 4.50 4.28
CA TYR A 34 33.80 4.19 2.86
C TYR A 34 35.18 4.48 2.30
N VAL A 35 35.64 3.65 1.38
CA VAL A 35 36.92 3.88 0.72
C VAL A 35 36.72 4.77 -0.49
N VAL A 36 37.06 6.04 -0.32
CA VAL A 36 36.76 7.07 -1.28
C VAL A 36 37.98 7.33 -2.18
N GLY A 37 39.16 6.99 -1.67
CA GLY A 37 40.36 7.05 -2.49
C GLY A 37 41.34 5.95 -2.14
N LEU A 38 42.12 5.53 -3.14
CA LEU A 38 43.19 4.56 -2.96
C LEU A 38 44.41 4.96 -3.76
N ALA A 39 45.58 4.83 -3.16
CA ALA A 39 46.84 5.07 -3.85
C ALA A 39 47.86 4.05 -3.41
N GLY A 40 48.68 3.56 -4.32
CA GLY A 40 49.73 2.62 -3.93
C GLY A 40 50.55 2.04 -5.05
N ASN A 41 51.58 1.28 -4.68
CA ASN A 41 52.47 0.75 -5.68
C ASN A 41 51.89 -0.46 -6.40
N ALA A 42 50.75 -0.96 -5.95
CA ALA A 42 49.98 -1.93 -6.71
C ALA A 42 48.60 -1.38 -7.09
N ILE A 43 48.39 -0.08 -6.94
CA ILE A 43 47.15 0.54 -7.44
C ILE A 43 47.43 1.13 -8.81
N LEU A 44 46.56 0.81 -9.76
CA LEU A 44 46.73 1.25 -11.14
C LEU A 44 45.38 1.68 -11.69
N ARG A 45 45.31 2.92 -12.14
CA ARG A 45 44.09 3.42 -12.73
C ARG A 45 43.77 2.63 -14.01
N GLU A 46 42.64 1.92 -14.02
CA GLU A 46 42.28 1.00 -15.12
C GLU A 46 40.93 1.38 -15.75
N ASP A 47 41.02 2.11 -16.87
CA ASP A 47 39.84 2.67 -17.54
C ASP A 47 38.77 1.62 -17.86
N LYS A 48 39.21 0.46 -18.35
CA LYS A 48 38.28 -0.60 -18.77
C LYS A 48 37.32 -1.01 -17.64
N ASP A 49 37.86 -1.31 -16.47
CA ASP A 49 37.07 -1.97 -15.40
C ASP A 49 37.24 -1.24 -14.07
N PRO A 50 36.49 -0.16 -13.88
CA PRO A 50 36.83 0.81 -12.83
C PRO A 50 36.67 0.18 -11.44
N GLN A 51 37.47 0.63 -10.51
CA GLN A 51 37.38 0.16 -9.14
C GLN A 51 36.07 0.64 -8.49
N LYS A 52 35.33 -0.29 -7.91
CA LYS A 52 34.10 0.04 -7.17
C LYS A 52 34.43 0.37 -5.72
N MET A 53 33.67 1.30 -5.16
CA MET A 53 33.76 1.61 -3.74
C MET A 53 33.44 0.38 -2.88
N TYR A 54 34.14 0.23 -1.79
CA TYR A 54 33.78 -0.70 -0.74
C TYR A 54 33.83 -0.01 0.58
N ALA A 55 33.36 -0.70 1.62
CA ALA A 55 33.29 -0.14 2.96
C ALA A 55 34.05 -1.02 3.96
N THR A 56 34.59 -0.41 4.99
CA THR A 56 35.31 -1.13 6.01
C THR A 56 34.82 -0.72 7.40
N ILE A 57 34.48 -1.72 8.22
CA ILE A 57 33.90 -1.49 9.53
C ILE A 57 34.90 -1.86 10.62
N TYR A 58 35.15 -0.91 11.51
CA TYR A 58 36.08 -1.09 12.62
C TYR A 58 35.30 -1.27 13.92
N GLU A 59 35.56 -2.37 14.63
CA GLU A 59 34.96 -2.62 15.91
C GLU A 59 36.05 -2.85 16.96
N LEU A 60 36.05 -2.02 17.98
CA LEU A 60 37.08 -2.07 19.00
C LEU A 60 36.72 -3.15 20.00
N LYS A 61 37.61 -4.10 20.22
CA LYS A 61 37.35 -5.15 21.17
C LYS A 61 37.81 -4.79 22.58
N GLU A 62 37.43 -5.63 23.53
CA GLU A 62 37.81 -5.49 24.92
C GLU A 62 39.30 -5.31 25.07
N ASP A 63 40.07 -6.17 24.41
CA ASP A 63 41.52 -6.09 24.50
C ASP A 63 42.14 -4.94 23.69
N LYS A 64 41.30 -4.11 23.07
CA LYS A 64 41.76 -2.90 22.37
C LYS A 64 42.35 -3.15 20.99
N SER A 65 42.33 -4.40 20.53
CA SER A 65 42.46 -4.69 19.11
C SER A 65 41.18 -4.31 18.36
N TYR A 66 41.27 -4.14 17.05
CA TYR A 66 40.08 -4.01 16.20
C TYR A 66 39.76 -5.31 15.49
N ASN A 67 38.47 -5.66 15.48
CA ASN A 67 37.92 -6.49 14.43
CA ASN A 67 37.91 -6.48 14.42
C ASN A 67 37.55 -5.60 13.23
N VAL A 68 38.11 -5.92 12.06
CA VAL A 68 37.97 -5.09 10.88
C VAL A 68 37.34 -5.91 9.74
N THR A 69 36.22 -5.42 9.24
CA THR A 69 35.42 -6.14 8.26
C THR A 69 35.23 -5.27 7.02
N SER A 70 35.70 -5.74 5.87
CA SER A 70 35.46 -5.01 4.62
C SER A 70 34.37 -5.72 3.86
N VAL A 71 33.50 -4.91 3.26
CA VAL A 71 32.35 -5.42 2.52
C VAL A 71 32.47 -4.92 1.08
N LEU A 72 32.56 -5.88 0.16
CA LEU A 72 32.77 -5.58 -1.25
C LEU A 72 31.67 -6.20 -2.07
N PHE A 73 31.33 -5.54 -3.17
CA PHE A 73 30.39 -6.08 -4.14
C PHE A 73 31.21 -6.74 -5.24
N ARG A 74 31.13 -8.06 -5.33
CA ARG A 74 31.87 -8.76 -6.37
C ARG A 74 31.14 -9.98 -6.87
N LYS A 75 31.19 -10.16 -8.18
CA LYS A 75 30.53 -11.27 -8.83
C LYS A 75 29.06 -11.31 -8.38
N LYS A 76 28.46 -10.13 -8.31
CA LYS A 76 27.03 -9.95 -8.04
C LYS A 76 26.62 -10.29 -6.60
N LYS A 77 27.61 -10.44 -5.71
CA LYS A 77 27.35 -10.76 -4.32
C LYS A 77 28.09 -9.86 -3.37
N CYS A 78 27.65 -9.83 -2.11
CA CYS A 78 28.39 -9.18 -1.06
C CYS A 78 29.45 -10.12 -0.50
N ASP A 79 30.67 -9.64 -0.52
CA ASP A 79 31.82 -10.42 -0.08
C ASP A 79 32.41 -9.75 1.16
N TYR A 80 32.71 -10.55 2.19
CA TYR A 80 33.12 -10.01 3.48
C TYR A 80 34.55 -10.48 3.82
N TRP A 81 35.47 -9.56 4.10
CA TRP A 81 36.82 -9.91 4.55
C TRP A 81 37.07 -9.42 5.97
N ILE A 82 37.30 -10.37 6.86
CA ILE A 82 37.39 -10.08 8.28
C ILE A 82 38.83 -10.34 8.72
N ARG A 83 39.42 -9.36 9.40
CA ARG A 83 40.73 -9.57 10.02
C ARG A 83 40.88 -8.72 11.28
N THR A 84 42.01 -8.90 11.98
CA THR A 84 42.26 -8.23 13.25
C THR A 84 43.41 -7.25 13.13
N PHE A 85 43.23 -6.02 13.60
CA PHE A 85 44.34 -5.08 13.79
C PHE A 85 44.79 -5.01 15.29
N VAL A 86 46.05 -5.34 15.55
CA VAL A 86 46.59 -5.42 16.90
C VAL A 86 47.43 -4.17 17.18
N PRO A 87 47.21 -3.52 18.33
CA PRO A 87 47.91 -2.25 18.60
C PRO A 87 49.43 -2.42 18.51
N GLY A 88 50.09 -1.46 17.88
CA GLY A 88 51.52 -1.50 17.70
C GLY A 88 52.23 -0.50 18.61
N SER A 89 53.30 0.09 18.09
CA SER A 89 54.31 0.73 18.92
C SER A 89 53.91 2.13 19.40
N GLN A 90 52.87 2.70 18.82
CA GLN A 90 52.29 3.96 19.28
C GLN A 90 50.81 4.05 18.88
N PRO A 91 50.03 4.93 19.54
CA PRO A 91 48.59 4.97 19.31
C PRO A 91 48.26 5.33 17.88
N GLY A 92 47.41 4.54 17.23
CA GLY A 92 47.11 4.76 15.83
C GLY A 92 47.93 3.89 14.88
N GLU A 93 48.87 3.11 15.44
CA GLU A 93 49.62 2.14 14.67
C GLU A 93 49.23 0.72 15.07
N PHE A 94 49.15 -0.17 14.08
CA PHE A 94 48.69 -1.55 14.28
C PHE A 94 49.48 -2.53 13.44
N THR A 95 49.52 -3.78 13.86
CA THR A 95 49.94 -4.88 13.00
C THR A 95 48.75 -5.82 12.74
N LEU A 96 48.84 -6.64 11.69
CA LEU A 96 47.79 -7.63 11.42
C LEU A 96 47.91 -8.76 12.43
N GLY A 97 46.81 -9.12 13.08
CA GLY A 97 46.79 -10.29 13.95
C GLY A 97 46.93 -11.60 13.19
N ASN A 98 47.54 -12.59 13.84
CA ASN A 98 47.60 -13.94 13.30
C ASN A 98 48.28 -14.01 11.92
N ILE A 99 49.42 -13.35 11.79
CA ILE A 99 50.09 -13.22 10.51
C ILE A 99 50.46 -14.59 9.93
N LYS A 100 50.74 -15.56 10.79
CA LYS A 100 51.16 -16.88 10.34
C LYS A 100 50.07 -17.57 9.52
N SER A 101 48.81 -17.18 9.74
CA SER A 101 47.71 -17.85 9.08
C SER A 101 47.55 -17.39 7.63
N TYR A 102 48.35 -16.41 7.21
CA TYR A 102 48.27 -15.92 5.84
C TYR A 102 49.51 -16.31 5.07
N PRO A 103 49.38 -17.28 4.17
CA PRO A 103 50.57 -17.82 3.50
C PRO A 103 51.31 -16.75 2.70
N GLY A 104 52.64 -16.75 2.77
CA GLY A 104 53.45 -15.76 2.06
C GLY A 104 53.69 -14.47 2.83
N LEU A 105 52.85 -14.19 3.82
CA LEU A 105 52.87 -12.90 4.48
C LEU A 105 53.88 -12.85 5.62
N THR A 106 54.78 -11.88 5.61
CA THR A 106 55.78 -11.81 6.67
C THR A 106 55.67 -10.53 7.52
N SER A 107 55.09 -9.48 6.97
CA SER A 107 54.80 -8.32 7.79
C SER A 107 53.62 -7.50 7.25
N TYR A 108 53.01 -6.72 8.13
CA TYR A 108 51.81 -5.98 7.79
C TYR A 108 51.58 -4.87 8.78
N LEU A 109 51.76 -3.64 8.33
CA LEU A 109 51.73 -2.47 9.21
C LEU A 109 50.61 -1.52 8.78
N VAL A 110 49.88 -1.00 9.76
CA VAL A 110 48.87 0.02 9.57
C VAL A 110 49.23 1.28 10.39
N ARG A 111 49.12 2.46 9.79
CA ARG A 111 49.33 3.70 10.50
C ARG A 111 48.28 4.72 10.10
N VAL A 112 47.46 5.14 11.06
CA VAL A 112 46.49 6.18 10.83
C VAL A 112 47.22 7.51 10.76
N VAL A 113 47.21 8.12 9.58
CA VAL A 113 47.97 9.31 9.30
C VAL A 113 47.23 10.54 9.81
N SER A 114 45.93 10.63 9.53
CA SER A 114 45.09 11.76 9.94
C SER A 114 43.62 11.35 9.93
N THR A 115 42.85 11.95 10.83
CA THR A 115 41.40 11.79 10.82
C THR A 115 40.74 12.83 11.71
N ASN A 116 39.49 13.16 11.40
CA ASN A 116 38.66 13.92 12.34
C ASN A 116 37.51 13.11 12.86
N TYR A 117 37.58 11.79 12.63
CA TYR A 117 36.71 10.80 13.25
C TYR A 117 35.28 10.77 12.72
N ASN A 118 34.73 11.94 12.39
CA ASN A 118 33.31 11.98 11.97
C ASN A 118 33.09 12.35 10.51
N GLN A 119 34.17 12.54 9.76
CA GLN A 119 34.08 12.77 8.32
C GLN A 119 35.13 12.04 7.48
N HIS A 120 36.41 12.20 7.80
CA HIS A 120 37.47 11.71 6.93
CA HIS A 120 37.51 11.78 6.94
C HIS A 120 38.61 11.06 7.72
N ALA A 121 39.33 10.17 7.06
CA ALA A 121 40.60 9.62 7.56
C ALA A 121 41.51 9.22 6.41
N MET A 122 42.83 9.24 6.65
CA MET A 122 43.81 8.67 5.73
C MET A 122 44.66 7.69 6.50
N VAL A 123 44.81 6.50 5.93
CA VAL A 123 45.47 5.41 6.61
C VAL A 123 46.50 4.78 5.68
N PHE A 124 47.71 4.58 6.21
CA PHE A 124 48.83 4.01 5.49
C PHE A 124 48.96 2.52 5.82
N PHE A 125 49.18 1.70 4.80
CA PHE A 125 49.38 0.27 4.96
C PHE A 125 50.66 -0.17 4.23
N LYS A 126 51.41 -1.07 4.85
CA LYS A 126 52.59 -1.64 4.23
C LYS A 126 52.68 -3.11 4.56
N LYS A 127 52.94 -3.91 3.55
CA LYS A 127 52.97 -5.33 3.76
C LYS A 127 54.05 -5.95 2.92
N VAL A 128 54.66 -7.01 3.46
CA VAL A 128 55.64 -7.78 2.70
C VAL A 128 55.09 -9.17 2.50
N SER A 129 54.94 -9.54 1.24
CA SER A 129 54.34 -10.82 0.88
C SER A 129 55.10 -11.43 -0.28
N GLN A 130 55.52 -12.68 -0.11
CA GLN A 130 56.45 -13.32 -1.01
C GLN A 130 57.69 -12.46 -1.17
N ASN A 131 58.10 -11.79 -0.11
CA ASN A 131 59.30 -10.98 -0.12
C ASN A 131 59.16 -9.67 -0.93
N ARG A 132 57.95 -9.39 -1.43
CA ARG A 132 57.66 -8.13 -2.13
C ARG A 132 56.99 -7.13 -1.21
N GLU A 133 57.42 -5.87 -1.28
CA GLU A 133 56.94 -4.85 -0.39
C GLU A 133 55.89 -3.96 -1.04
N TYR A 134 54.65 -4.08 -0.57
CA TYR A 134 53.51 -3.31 -1.09
C TYR A 134 53.16 -2.22 -0.10
N PHE A 135 52.77 -1.06 -0.61
CA PHE A 135 52.22 -0.05 0.25
C PHE A 135 51.05 0.66 -0.40
N LYS A 136 50.15 1.14 0.43
CA LYS A 136 49.02 1.92 -0.05
C LYS A 136 48.59 2.94 0.96
N ILE A 137 47.90 3.97 0.46
CA ILE A 137 47.22 4.91 1.30
C ILE A 137 45.74 4.84 0.94
N THR A 138 44.90 4.73 1.96
CA THR A 138 43.47 4.67 1.79
C THR A 138 42.89 5.97 2.34
N LEU A 139 42.05 6.60 1.53
CA LEU A 139 41.27 7.74 1.96
C LEU A 139 39.86 7.26 2.29
N TYR A 140 39.50 7.40 3.57
CA TYR A 140 38.21 6.98 4.11
C TYR A 140 37.31 8.19 4.29
N GLY A 141 36.02 7.98 4.01
CA GLY A 141 34.98 8.99 4.27
C GLY A 141 33.90 8.33 5.10
N ARG A 142 33.27 9.08 6.01
CA ARG A 142 32.07 8.57 6.68
C ARG A 142 30.91 8.55 5.70
N THR A 143 31.01 9.34 4.64
CA THR A 143 30.05 9.26 3.54
C THR A 143 30.77 8.87 2.25
N LYS A 144 30.03 8.68 1.16
CA LYS A 144 30.61 8.23 -0.12
C LYS A 144 31.23 9.34 -0.94
N GLU A 145 31.00 10.58 -0.54
CA GLU A 145 31.54 11.71 -1.26
C GLU A 145 32.61 12.35 -0.41
N LEU A 146 33.60 12.94 -1.03
CA LEU A 146 34.44 13.92 -0.33
C LEU A 146 34.77 15.02 -1.36
N THR A 147 35.16 16.17 -0.85
CA THR A 147 35.38 17.37 -1.69
C THR A 147 36.61 17.27 -2.63
N SER A 148 36.58 18.04 -3.72
CA SER A 148 37.75 18.29 -4.59
C SER A 148 38.98 18.64 -3.76
N GLU A 149 38.79 19.47 -2.74
CA GLU A 149 39.90 19.90 -1.91
C GLU A 149 40.53 18.73 -1.18
N LEU A 150 39.70 17.88 -0.60
CA LEU A 150 40.19 16.75 0.15
C LEU A 150 40.85 15.73 -0.78
N LYS A 151 40.30 15.58 -1.97
CA LYS A 151 40.91 14.72 -2.98
C LYS A 151 42.29 15.21 -3.34
N GLU A 152 42.40 16.52 -3.60
CA GLU A 152 43.68 17.12 -3.90
C GLU A 152 44.72 16.96 -2.78
N ASN A 153 44.28 17.08 -1.53
CA ASN A 153 45.18 16.84 -0.38
C ASN A 153 45.70 15.42 -0.36
N PHE A 154 44.82 14.47 -0.68
CA PHE A 154 45.19 13.06 -0.72
C PHE A 154 46.16 12.81 -1.85
N ILE A 155 45.93 13.44 -3.00
CA ILE A 155 46.85 13.32 -4.13
C ILE A 155 48.24 13.87 -3.77
N ARG A 156 48.26 15.04 -3.15
CA ARG A 156 49.52 15.66 -2.73
C ARG A 156 50.28 14.76 -1.73
N PHE A 157 49.58 14.22 -0.75
CA PHE A 157 50.21 13.30 0.19
C PHE A 157 50.75 12.04 -0.51
N SER A 158 49.95 11.47 -1.40
CA SER A 158 50.38 10.27 -2.11
C SER A 158 51.63 10.54 -2.93
N LYS A 159 51.66 11.68 -3.62
CA LYS A 159 52.83 12.05 -4.40
C LYS A 159 54.06 12.22 -3.53
N SER A 160 53.88 12.72 -2.31
CA SER A 160 55.00 12.85 -1.40
C SER A 160 55.61 11.51 -1.02
N LEU A 161 54.87 10.42 -1.21
CA LEU A 161 55.38 9.10 -0.93
C LEU A 161 55.86 8.38 -2.18
N GLY A 162 55.97 9.11 -3.27
CA GLY A 162 56.64 8.63 -4.47
C GLY A 162 55.67 8.07 -5.49
N LEU A 163 54.37 8.27 -5.28
CA LEU A 163 53.39 7.72 -6.21
C LEU A 163 53.01 8.75 -7.29
N PRO A 164 53.10 8.36 -8.57
CA PRO A 164 52.53 9.22 -9.62
C PRO A 164 51.00 9.11 -9.74
N GLU A 165 50.42 9.95 -10.57
CA GLU A 165 48.98 10.16 -10.56
C GLU A 165 48.27 8.91 -11.04
N ASN A 166 48.90 8.15 -11.93
CA ASN A 166 48.25 6.96 -12.44
C ASN A 166 48.27 5.79 -11.45
N HIS A 167 48.84 6.00 -10.25
CA HIS A 167 48.72 5.04 -9.16
C HIS A 167 47.78 5.51 -8.07
N ILE A 168 46.87 6.40 -8.44
CA ILE A 168 45.88 6.93 -7.53
C ILE A 168 44.50 6.78 -8.17
N VAL A 169 43.56 6.19 -7.45
CA VAL A 169 42.21 6.00 -7.96
C VAL A 169 41.15 6.43 -6.96
N PHE A 170 40.02 6.87 -7.49
CA PHE A 170 38.86 7.22 -6.68
C PHE A 170 37.71 6.26 -7.00
N PRO A 171 37.51 5.25 -6.15
CA PRO A 171 36.51 4.25 -6.47
C PRO A 171 35.13 4.84 -6.65
N VAL A 172 34.39 4.26 -7.58
CA VAL A 172 33.07 4.77 -7.96
C VAL A 172 32.07 4.37 -6.89
N PRO A 173 31.30 5.35 -6.37
CA PRO A 173 30.24 5.02 -5.43
C PRO A 173 29.28 3.99 -6.00
N ILE A 174 28.85 3.05 -5.16
CA ILE A 174 27.80 2.11 -5.54
C ILE A 174 26.81 2.02 -4.38
N ASP A 175 25.67 1.38 -4.62
CA ASP A 175 24.65 1.18 -3.59
C ASP A 175 24.58 -0.25 -3.06
N GLN A 176 25.08 -1.23 -3.81
CA GLN A 176 24.96 -2.62 -3.41
C GLN A 176 25.95 -2.90 -2.26
N CYS A 177 25.46 -3.60 -1.24
CA CYS A 177 26.29 -4.20 -0.17
C CYS A 177 26.79 -3.23 0.87
N ILE A 178 27.21 -2.05 0.44
CA ILE A 178 28.04 -1.26 1.31
C ILE A 178 27.22 -0.29 2.15
N ASP A 179 25.91 -0.26 1.97
CA ASP A 179 25.05 0.63 2.75
C ASP A 179 24.27 -0.10 3.83
N GLY A 180 24.71 -1.29 4.21
CA GLY A 180 24.17 -1.97 5.38
C GLY A 180 24.42 -1.16 6.65
N SER B 5 28.65 -18.29 9.86
CA SER B 5 28.49 -18.29 8.37
C SER B 5 29.25 -17.12 7.77
N THR B 6 30.11 -17.41 6.80
CA THR B 6 31.08 -16.43 6.30
C THR B 6 30.96 -16.24 4.79
N SER B 7 30.01 -16.92 4.16
CA SER B 7 29.96 -16.97 2.69
C SER B 7 29.36 -15.68 2.10
N ASP B 8 29.57 -15.47 0.80
CA ASP B 8 29.01 -14.33 0.10
C ASP B 8 27.48 -14.39 0.06
N LEU B 9 26.84 -13.22 0.01
CA LEU B 9 25.39 -13.15 0.05
C LEU B 9 24.88 -12.39 -1.16
N ILE B 10 23.70 -12.76 -1.64
CA ILE B 10 22.98 -11.93 -2.58
C ILE B 10 22.66 -10.61 -1.88
N PRO B 11 22.97 -9.48 -2.54
CA PRO B 11 22.81 -8.18 -1.88
C PRO B 11 21.38 -7.88 -1.55
N ALA B 12 21.14 -7.19 -0.45
CA ALA B 12 19.83 -6.65 -0.17
C ALA B 12 19.46 -5.63 -1.26
N PRO B 13 18.21 -5.63 -1.68
CA PRO B 13 17.77 -4.70 -2.71
C PRO B 13 17.68 -3.29 -2.12
N PRO B 14 17.76 -2.26 -2.96
CA PRO B 14 17.48 -0.92 -2.47
C PRO B 14 16.01 -0.82 -2.07
N LEU B 15 15.75 -0.06 -1.01
CA LEU B 15 14.43 0.02 -0.43
C LEU B 15 13.44 0.62 -1.42
N SER B 16 13.93 1.30 -2.45
CA SER B 16 13.08 1.80 -3.53
C SER B 16 12.46 0.70 -4.38
N LYS B 17 12.98 -0.51 -4.31
CA LYS B 17 12.34 -1.63 -5.02
C LYS B 17 11.32 -2.37 -4.14
N VAL B 18 11.17 -1.93 -2.88
CA VAL B 18 10.28 -2.62 -1.96
C VAL B 18 9.10 -1.70 -1.62
N PRO B 19 7.95 -1.95 -2.24
CA PRO B 19 6.80 -1.10 -1.98
C PRO B 19 6.37 -1.14 -0.51
N LEU B 20 5.74 -0.07 -0.06
CA LEU B 20 5.09 -0.02 1.25
C LEU B 20 3.59 0.01 1.03
N GLN B 21 2.86 -0.83 1.74
CA GLN B 21 1.40 -0.81 1.67
C GLN B 21 0.89 0.59 2.04
N GLN B 22 0.13 1.19 1.14
CA GLN B 22 -0.49 2.50 1.37
C GLN B 22 -1.54 2.45 2.49
N ASN B 23 -1.51 3.47 3.36
CA ASN B 23 -2.50 3.68 4.43
C ASN B 23 -2.63 2.42 5.26
N PHE B 24 -1.48 1.91 5.71
CA PHE B 24 -1.47 0.66 6.45
C PHE B 24 -2.35 0.76 7.68
N GLN B 25 -3.15 -0.29 7.90
CA GLN B 25 -4.15 -0.32 8.95
C GLN B 25 -3.78 -1.31 10.05
N ASP B 26 -3.21 -0.80 11.15
CA ASP B 26 -2.53 -1.67 12.10
C ASP B 26 -3.49 -2.61 12.82
N ASN B 27 -4.70 -2.14 13.09
CA ASN B 27 -5.68 -2.95 13.75
C ASN B 27 -6.21 -4.10 12.87
N GLN B 28 -6.40 -3.82 11.59
CA GLN B 28 -6.85 -4.83 10.64
C GLN B 28 -5.79 -5.91 10.35
N PHE B 29 -4.52 -5.59 10.57
CA PHE B 29 -3.43 -6.55 10.30
C PHE B 29 -3.23 -7.54 11.44
N GLN B 30 -3.81 -7.27 12.61
CA GLN B 30 -3.61 -8.09 13.81
C GLN B 30 -4.09 -9.51 13.61
N GLY B 31 -3.68 -10.37 14.54
CA GLY B 31 -4.12 -11.76 14.57
C GLY B 31 -3.09 -12.72 13.98
N LYS B 32 -3.54 -13.93 13.69
CA LYS B 32 -2.65 -15.01 13.24
C LYS B 32 -2.48 -14.99 11.74
N TRP B 33 -1.24 -15.17 11.31
CA TRP B 33 -0.92 -15.39 9.92
C TRP B 33 -0.07 -16.66 9.81
N TYR B 34 -0.35 -17.48 8.80
CA TYR B 34 0.49 -18.64 8.51
C TYR B 34 1.55 -18.23 7.49
N VAL B 35 2.76 -18.76 7.68
CA VAL B 35 3.83 -18.52 6.71
C VAL B 35 3.77 -19.53 5.57
N VAL B 36 3.21 -19.09 4.46
CA VAL B 36 2.85 -19.95 3.34
C VAL B 36 3.99 -19.93 2.32
N GLY B 37 4.77 -18.86 2.33
CA GLY B 37 5.94 -18.76 1.49
C GLY B 37 7.06 -17.98 2.13
N LEU B 38 8.31 -18.33 1.77
CA LEU B 38 9.52 -17.62 2.28
C LEU B 38 10.54 -17.51 1.17
N ALA B 39 11.12 -16.32 1.01
CA ALA B 39 12.19 -16.10 0.06
C ALA B 39 13.25 -15.21 0.68
N GLY B 40 14.52 -15.50 0.46
CA GLY B 40 15.57 -14.64 0.97
C GLY B 40 16.99 -15.08 0.69
N ASN B 41 17.95 -14.22 1.03
CA ASN B 41 19.33 -14.49 0.73
C ASN B 41 19.96 -15.49 1.71
N ALA B 42 19.21 -15.89 2.73
CA ALA B 42 19.60 -17.03 3.55
C ALA B 42 18.54 -18.13 3.53
N ILE B 43 17.58 -18.07 2.60
CA ILE B 43 16.64 -19.17 2.40
C ILE B 43 17.17 -20.06 1.28
N LEU B 44 17.17 -21.37 1.53
CA LEU B 44 17.64 -22.34 0.55
C LEU B 44 16.69 -23.55 0.48
N ARG B 45 16.13 -23.80 -0.70
CA ARG B 45 15.27 -24.96 -0.93
C ARG B 45 16.08 -26.25 -0.78
N GLU B 46 15.70 -27.09 0.17
CA GLU B 46 16.28 -28.43 0.28
C GLU B 46 15.20 -29.48 0.07
N ASP B 47 15.17 -30.08 -1.11
CA ASP B 47 14.29 -31.22 -1.39
C ASP B 47 14.40 -32.28 -0.30
N LYS B 48 15.63 -32.54 0.14
CA LYS B 48 15.90 -33.53 1.18
C LYS B 48 15.08 -33.28 2.44
N ASP B 49 15.13 -32.05 2.96
CA ASP B 49 14.67 -31.77 4.33
C ASP B 49 13.73 -30.56 4.39
N PRO B 50 12.42 -30.77 4.11
CA PRO B 50 11.54 -29.66 3.78
C PRO B 50 11.19 -28.79 4.98
N GLN B 51 11.01 -27.51 4.73
CA GLN B 51 10.66 -26.55 5.76
C GLN B 51 9.20 -26.77 6.17
N LYS B 52 8.94 -26.83 7.47
CA LYS B 52 7.57 -26.95 7.99
C LYS B 52 6.94 -25.57 8.15
N MET B 53 5.63 -25.48 7.89
CA MET B 53 4.90 -24.25 8.12
C MET B 53 4.96 -23.87 9.60
N TYR B 54 5.03 -22.57 9.86
CA TYR B 54 4.84 -22.03 11.18
C TYR B 54 3.89 -20.85 11.08
N ALA B 55 3.49 -20.33 12.23
CA ALA B 55 2.53 -19.25 12.31
C ALA B 55 3.11 -18.08 13.11
N THR B 56 2.66 -16.89 12.77
CA THR B 56 3.06 -15.70 13.50
C THR B 56 1.83 -14.87 13.85
N ILE B 57 1.74 -14.51 15.12
CA ILE B 57 0.58 -13.80 15.67
C ILE B 57 0.98 -12.38 16.05
N TYR B 58 0.27 -11.41 15.49
CA TYR B 58 0.49 -9.98 15.75
C TYR B 58 -0.57 -9.42 16.69
N GLU B 59 -0.15 -8.92 17.83
CA GLU B 59 -1.09 -8.34 18.79
C GLU B 59 -0.77 -6.89 19.03
N LEU B 60 -1.71 -6.03 18.67
CA LEU B 60 -1.47 -4.59 18.69
C LEU B 60 -1.62 -4.13 20.12
N LYS B 61 -0.59 -3.51 20.67
CA LYS B 61 -0.66 -3.02 22.04
C LYS B 61 -1.17 -1.58 22.09
N GLU B 62 -1.48 -1.14 23.31
CA GLU B 62 -1.92 0.22 23.56
C GLU B 62 -1.01 1.26 22.95
N ASP B 63 0.30 1.09 23.14
CA ASP B 63 1.25 2.04 22.57
C ASP B 63 1.46 1.87 21.07
N LYS B 64 0.73 0.96 20.45
CA LYS B 64 0.71 0.78 18.98
C LYS B 64 1.90 0.00 18.44
N SER B 65 2.76 -0.48 19.33
CA SER B 65 3.69 -1.53 18.96
C SER B 65 2.93 -2.85 18.82
N TYR B 66 3.55 -3.82 18.16
CA TYR B 66 3.02 -5.20 18.18
C TYR B 66 3.86 -6.09 19.10
N ASN B 67 3.16 -6.90 19.87
CA ASN B 67 3.74 -8.11 20.42
CA ASN B 67 3.73 -8.12 20.41
C ASN B 67 3.57 -9.22 19.36
N VAL B 68 4.68 -9.79 18.93
CA VAL B 68 4.70 -10.71 17.79
C VAL B 68 5.19 -12.05 18.30
N THR B 69 4.38 -13.09 18.07
CA THR B 69 4.70 -14.41 18.55
C THR B 69 4.71 -15.38 17.38
N SER B 70 5.85 -16.02 17.15
CA SER B 70 5.89 -17.07 16.16
C SER B 70 5.84 -18.41 16.87
N VAL B 71 5.07 -19.33 16.30
CA VAL B 71 4.89 -20.66 16.87
C VAL B 71 5.37 -21.71 15.86
N LEU B 72 6.36 -22.49 16.27
CA LEU B 72 7.00 -23.46 15.39
C LEU B 72 6.93 -24.82 16.06
N PHE B 73 6.91 -25.87 15.25
CA PHE B 73 7.02 -27.25 15.73
C PHE B 73 8.43 -27.73 15.51
N ARG B 74 9.17 -27.96 16.58
CA ARG B 74 10.55 -28.36 16.43
C ARG B 74 11.02 -29.21 17.58
N LYS B 75 11.77 -30.25 17.24
CA LYS B 75 12.24 -31.20 18.22
C LYS B 75 11.06 -31.71 19.04
N LYS B 76 9.95 -31.95 18.36
CA LYS B 76 8.75 -32.55 18.95
C LYS B 76 8.03 -31.65 19.96
N LYS B 77 8.41 -30.38 19.98
CA LYS B 77 7.80 -29.43 20.90
C LYS B 77 7.31 -28.21 20.17
N CYS B 78 6.40 -27.49 20.81
CA CYS B 78 6.01 -26.18 20.34
C CYS B 78 7.01 -25.16 20.83
N ASP B 79 7.56 -24.42 19.87
CA ASP B 79 8.60 -23.44 20.14
CA ASP B 79 8.61 -23.46 20.15
C ASP B 79 8.04 -22.08 19.86
N TYR B 80 8.27 -21.14 20.77
CA TYR B 80 7.65 -19.83 20.68
C TYR B 80 8.74 -18.78 20.67
N TRP B 81 8.71 -17.90 19.68
CA TRP B 81 9.56 -16.74 19.70
C TRP B 81 8.72 -15.49 19.80
N ILE B 82 8.87 -14.78 20.91
CA ILE B 82 8.11 -13.59 21.19
C ILE B 82 9.03 -12.38 21.10
N ARG B 83 8.65 -11.40 20.30
CA ARG B 83 9.42 -10.17 20.22
C ARG B 83 8.48 -9.00 19.96
N THR B 84 9.04 -7.79 20.00
CA THR B 84 8.27 -6.57 19.86
C THR B 84 8.62 -5.85 18.57
N PHE B 85 7.61 -5.51 17.77
CA PHE B 85 7.79 -4.61 16.62
C PHE B 85 7.36 -3.20 16.97
N VAL B 86 8.29 -2.26 16.89
CA VAL B 86 8.03 -0.86 17.24
C VAL B 86 7.78 -0.08 15.94
N PRO B 87 6.73 0.73 15.89
CA PRO B 87 6.43 1.47 14.65
C PRO B 87 7.64 2.27 14.22
N GLY B 88 7.93 2.26 12.92
CA GLY B 88 9.08 2.96 12.40
C GLY B 88 8.64 4.27 11.76
N SER B 89 9.35 4.65 10.71
CA SER B 89 9.28 6.03 10.22
C SER B 89 7.95 6.30 9.49
N GLN B 90 7.34 5.24 8.94
CA GLN B 90 6.11 5.33 8.16
CA GLN B 90 6.11 5.33 8.16
C GLN B 90 5.19 4.21 8.60
N PRO B 91 3.86 4.43 8.53
CA PRO B 91 2.93 3.34 8.81
C PRO B 91 3.17 2.09 7.97
N GLY B 92 3.22 0.95 8.63
CA GLY B 92 3.51 -0.31 7.95
C GLY B 92 4.99 -0.67 8.01
N GLU B 93 5.80 0.22 8.56
CA GLU B 93 7.19 -0.10 8.88
C GLU B 93 7.38 -0.26 10.37
N PHE B 94 8.32 -1.14 10.75
CA PHE B 94 8.63 -1.42 12.14
C PHE B 94 10.11 -1.71 12.36
N THR B 95 10.59 -1.44 13.56
CA THR B 95 11.91 -1.90 13.95
C THR B 95 11.75 -2.87 15.12
N LEU B 96 12.79 -3.65 15.38
CA LEU B 96 12.76 -4.60 16.50
C LEU B 96 13.00 -3.88 17.80
N GLY B 97 12.13 -4.09 18.79
CA GLY B 97 12.40 -3.65 20.17
C GLY B 97 13.56 -4.37 20.85
N ASN B 98 14.24 -3.68 21.77
CA ASN B 98 15.30 -4.26 22.58
CA ASN B 98 15.31 -4.26 22.59
C ASN B 98 16.41 -4.92 21.76
N ILE B 99 16.88 -4.22 20.73
CA ILE B 99 17.88 -4.79 19.83
C ILE B 99 19.13 -5.26 20.57
N LYS B 100 19.50 -4.55 21.65
CA LYS B 100 20.74 -4.88 22.37
C LYS B 100 20.68 -6.27 23.02
N SER B 101 19.47 -6.81 23.22
CA SER B 101 19.34 -8.11 23.85
C SER B 101 19.61 -9.25 22.86
N TYR B 102 19.85 -8.93 21.60
CA TYR B 102 20.20 -9.93 20.61
C TYR B 102 21.66 -9.76 20.17
N PRO B 103 22.54 -10.65 20.63
CA PRO B 103 23.97 -10.40 20.39
C PRO B 103 24.32 -10.40 18.91
N GLY B 104 25.18 -9.47 18.49
CA GLY B 104 25.56 -9.34 17.09
C GLY B 104 24.64 -8.45 16.26
N LEU B 105 23.41 -8.25 16.73
CA LEU B 105 22.38 -7.63 15.91
C LEU B 105 22.49 -6.12 15.97
N THR B 106 22.62 -5.47 14.81
CA THR B 106 22.81 -4.01 14.82
C THR B 106 21.68 -3.27 14.12
N SER B 107 20.93 -3.94 13.24
CA SER B 107 19.73 -3.34 12.73
C SER B 107 18.69 -4.37 12.28
N TYR B 108 17.44 -3.95 12.30
N TYR B 108 17.44 -3.95 12.29
CA TYR B 108 16.34 -4.85 11.97
CA TYR B 108 16.35 -4.85 11.97
C TYR B 108 15.11 -4.07 11.53
C TYR B 108 15.16 -4.00 11.50
N LEU B 109 14.72 -4.23 10.27
CA LEU B 109 13.67 -3.46 9.66
C LEU B 109 12.57 -4.38 9.12
N VAL B 110 11.32 -3.99 9.34
CA VAL B 110 10.15 -4.67 8.78
C VAL B 110 9.36 -3.68 7.92
N ARG B 111 8.94 -4.12 6.73
CA ARG B 111 8.12 -3.29 5.84
C ARG B 111 7.01 -4.14 5.23
N VAL B 112 5.76 -3.82 5.57
CA VAL B 112 4.61 -4.49 4.98
C VAL B 112 4.46 -4.01 3.54
N VAL B 113 4.62 -4.93 2.61
CA VAL B 113 4.69 -4.60 1.19
C VAL B 113 3.29 -4.48 0.61
N SER B 114 2.45 -5.46 0.89
CA SER B 114 1.07 -5.47 0.43
C SER B 114 0.24 -6.44 1.27
N THR B 115 -1.03 -6.12 1.42
CA THR B 115 -1.95 -7.00 2.14
C THR B 115 -3.38 -6.58 1.84
N ASN B 116 -4.31 -7.53 1.90
CA ASN B 116 -5.72 -7.20 1.94
C ASN B 116 -6.32 -7.50 3.30
N TYR B 117 -5.46 -7.78 4.27
CA TYR B 117 -5.84 -7.92 5.70
C TYR B 117 -6.63 -9.16 6.06
N ASN B 118 -7.54 -9.57 5.19
CA ASN B 118 -8.41 -10.70 5.50
C ASN B 118 -7.97 -12.03 4.91
N GLN B 119 -7.00 -12.03 3.98
CA GLN B 119 -6.56 -13.27 3.30
C GLN B 119 -5.04 -13.42 3.20
N HIS B 120 -4.37 -12.40 2.67
CA HIS B 120 -2.95 -12.52 2.34
C HIS B 120 -2.14 -11.25 2.69
N ALA B 121 -0.85 -11.43 2.91
CA ALA B 121 0.08 -10.34 3.04
C ALA B 121 1.46 -10.76 2.56
N MET B 122 2.26 -9.78 2.11
CA MET B 122 3.68 -9.96 1.90
C MET B 122 4.41 -8.93 2.73
N VAL B 123 5.43 -9.40 3.45
CA VAL B 123 6.19 -8.53 4.34
C VAL B 123 7.71 -8.72 4.09
N PHE B 124 8.40 -7.59 4.02
CA PHE B 124 9.85 -7.54 3.79
C PHE B 124 10.57 -7.34 5.12
N PHE B 125 11.63 -8.12 5.34
CA PHE B 125 12.47 -8.03 6.53
C PHE B 125 13.93 -7.88 6.12
N LYS B 126 14.65 -7.03 6.83
CA LYS B 126 16.06 -6.85 6.58
C LYS B 126 16.79 -6.66 7.91
N LYS B 127 17.92 -7.32 8.07
CA LYS B 127 18.64 -7.27 9.31
C LYS B 127 20.12 -7.35 9.07
N VAL B 128 20.87 -6.68 9.92
CA VAL B 128 22.32 -6.74 9.88
C VAL B 128 22.80 -7.37 11.17
N SER B 129 23.53 -8.46 11.03
CA SER B 129 23.99 -9.22 12.18
C SER B 129 25.42 -9.67 11.91
N GLN B 130 26.33 -9.37 12.82
CA GLN B 130 27.76 -9.56 12.57
C GLN B 130 28.18 -8.89 11.26
N ASN B 131 27.60 -7.74 10.96
CA ASN B 131 27.93 -6.98 9.77
C ASN B 131 27.40 -7.58 8.47
N ARG B 132 26.71 -8.71 8.55
CA ARG B 132 26.13 -9.34 7.39
C ARG B 132 24.68 -8.93 7.19
N GLU B 133 24.33 -8.56 5.96
CA GLU B 133 23.02 -8.04 5.67
C GLU B 133 22.07 -9.11 5.08
N TYR B 134 21.07 -9.50 5.86
CA TYR B 134 20.15 -10.56 5.48
C TYR B 134 18.82 -9.93 5.12
N PHE B 135 18.14 -10.47 4.12
CA PHE B 135 16.78 -10.07 3.81
C PHE B 135 15.91 -11.24 3.42
N LYS B 136 14.62 -11.09 3.69
CA LYS B 136 13.65 -12.07 3.29
C LYS B 136 12.31 -11.42 3.00
N ILE B 137 11.50 -12.15 2.24
CA ILE B 137 10.12 -11.79 2.03
C ILE B 137 9.28 -12.95 2.49
N THR B 138 8.27 -12.64 3.30
CA THR B 138 7.40 -13.64 3.84
C THR B 138 6.03 -13.46 3.22
N LEU B 139 5.48 -14.57 2.72
CA LEU B 139 4.12 -14.59 2.24
C LEU B 139 3.25 -15.21 3.31
N TYR B 140 2.34 -14.38 3.82
CA TYR B 140 1.43 -14.77 4.91
C TYR B 140 0.02 -15.06 4.36
N GLY B 141 -0.65 -16.02 4.96
CA GLY B 141 -2.03 -16.37 4.62
C GLY B 141 -2.84 -16.47 5.91
N ARG B 142 -4.10 -16.07 5.87
CA ARG B 142 -4.97 -16.27 7.04
C ARG B 142 -5.29 -17.75 7.23
N THR B 143 -5.20 -18.51 6.15
CA THR B 143 -5.27 -19.96 6.20
C THR B 143 -3.97 -20.56 5.66
N LYS B 144 -3.86 -21.88 5.67
CA LYS B 144 -2.61 -22.57 5.35
C LYS B 144 -2.41 -22.70 3.84
N GLU B 145 -3.42 -22.36 3.07
CA GLU B 145 -3.38 -22.47 1.62
C GLU B 145 -3.50 -21.09 0.99
N LEU B 146 -2.87 -20.88 -0.14
CA LEU B 146 -3.18 -19.71 -0.95
C LEU B 146 -3.20 -20.12 -2.40
N THR B 147 -3.77 -19.27 -3.24
CA THR B 147 -3.96 -19.60 -4.64
C THR B 147 -2.62 -19.65 -5.37
N SER B 148 -2.58 -20.45 -6.42
CA SER B 148 -1.46 -20.45 -7.35
C SER B 148 -1.11 -19.04 -7.78
N GLU B 149 -2.13 -18.24 -8.03
CA GLU B 149 -1.91 -16.89 -8.55
C GLU B 149 -1.14 -16.05 -7.53
N LEU B 150 -1.53 -16.14 -6.27
CA LEU B 150 -0.86 -15.38 -5.21
C LEU B 150 0.56 -15.88 -5.00
N LYS B 151 0.77 -17.19 -5.12
CA LYS B 151 2.09 -17.75 -5.00
C LYS B 151 3.00 -17.38 -6.16
N GLU B 152 2.45 -17.37 -7.36
CA GLU B 152 3.19 -16.90 -8.52
C GLU B 152 3.54 -15.43 -8.42
N ASN B 153 2.64 -14.62 -7.86
CA ASN B 153 2.93 -13.22 -7.64
C ASN B 153 4.10 -13.06 -6.67
N PHE B 154 4.11 -13.89 -5.61
CA PHE B 154 5.19 -13.87 -4.64
C PHE B 154 6.54 -14.26 -5.26
N ILE B 155 6.55 -15.28 -6.10
CA ILE B 155 7.76 -15.65 -6.83
C ILE B 155 8.29 -14.52 -7.73
N ARG B 156 7.38 -13.90 -8.48
CA ARG B 156 7.72 -12.79 -9.35
C ARG B 156 8.31 -11.63 -8.54
N PHE B 157 7.68 -11.30 -7.42
CA PHE B 157 8.20 -10.23 -6.59
C PHE B 157 9.59 -10.56 -6.02
N SER B 158 9.76 -11.81 -5.58
CA SER B 158 11.03 -12.24 -5.02
C SER B 158 12.14 -12.13 -6.05
N LYS B 159 11.86 -12.55 -7.28
CA LYS B 159 12.80 -12.42 -8.38
C LYS B 159 13.19 -10.99 -8.65
N SER B 160 12.22 -10.09 -8.58
CA SER B 160 12.50 -8.69 -8.80
C SER B 160 13.47 -8.13 -7.77
N LEU B 161 13.63 -8.80 -6.63
CA LEU B 161 14.59 -8.38 -5.62
C LEU B 161 15.92 -9.17 -5.71
N GLY B 162 16.06 -9.93 -6.79
CA GLY B 162 17.34 -10.55 -7.13
C GLY B 162 17.47 -11.97 -6.60
N LEU B 163 16.37 -12.56 -6.15
CA LEU B 163 16.41 -13.92 -5.62
C LEU B 163 16.07 -14.94 -6.71
N PRO B 164 16.94 -15.94 -6.92
CA PRO B 164 16.57 -17.03 -7.81
C PRO B 164 15.61 -18.02 -7.16
N GLU B 165 15.14 -18.97 -7.96
CA GLU B 165 14.03 -19.82 -7.56
C GLU B 165 14.42 -20.72 -6.41
N ASN B 166 15.68 -21.11 -6.38
CA ASN B 166 16.12 -22.00 -5.31
C ASN B 166 16.29 -21.29 -3.96
N HIS B 167 16.06 -19.98 -3.91
CA HIS B 167 16.00 -19.25 -2.63
C HIS B 167 14.57 -18.92 -2.22
N ILE B 168 13.63 -19.68 -2.75
CA ILE B 168 12.21 -19.50 -2.47
C ILE B 168 11.65 -20.85 -2.03
N VAL B 169 10.99 -20.88 -0.87
CA VAL B 169 10.39 -22.11 -0.39
C VAL B 169 8.94 -21.91 0.05
N PHE B 170 8.17 -22.96 -0.07
CA PHE B 170 6.79 -22.97 0.38
C PHE B 170 6.66 -24.00 1.50
N PRO B 171 6.68 -23.55 2.74
CA PRO B 171 6.62 -24.50 3.85
C PRO B 171 5.40 -25.40 3.81
N VAL B 172 5.61 -26.65 4.20
CA VAL B 172 4.57 -27.67 4.17
C VAL B 172 3.61 -27.49 5.34
N PRO B 173 2.29 -27.47 5.07
CA PRO B 173 1.31 -27.33 6.15
C PRO B 173 1.47 -28.45 7.17
N ILE B 174 1.33 -28.13 8.44
CA ILE B 174 1.31 -29.14 9.49
C ILE B 174 0.17 -28.80 10.43
N ASP B 175 -0.16 -29.74 11.32
CA ASP B 175 -1.23 -29.56 12.30
C ASP B 175 -0.73 -29.37 13.73
N GLN B 176 0.50 -29.76 14.01
CA GLN B 176 1.03 -29.62 15.37
C GLN B 176 1.34 -28.14 15.68
N CYS B 177 0.93 -27.69 16.87
CA CYS B 177 1.34 -26.41 17.48
C CYS B 177 0.72 -25.17 16.85
N ILE B 178 0.64 -25.11 15.53
CA ILE B 178 0.39 -23.83 14.89
C ILE B 178 -1.07 -23.45 14.76
N ASP B 179 -1.98 -24.28 15.26
CA ASP B 179 -3.42 -23.98 15.19
C ASP B 179 -4.05 -23.48 16.51
N SER C 5 -6.34 26.02 16.20
CA SER C 5 -5.92 26.61 14.89
C SER C 5 -6.56 25.85 13.74
N THR C 6 -7.20 26.59 12.83
CA THR C 6 -8.06 25.99 11.82
C THR C 6 -7.70 26.43 10.39
N SER C 7 -6.67 27.27 10.26
CA SER C 7 -6.39 27.92 8.97
C SER C 7 -5.62 26.97 8.03
N ASP C 8 -5.60 27.31 6.74
CA ASP C 8 -4.87 26.54 5.73
C ASP C 8 -3.38 26.55 6.02
N LEU C 9 -2.71 25.49 5.61
CA LEU C 9 -1.28 25.34 5.87
C LEU C 9 -0.55 25.10 4.55
N ILE C 10 0.70 25.56 4.47
CA ILE C 10 1.61 25.15 3.43
C ILE C 10 1.86 23.67 3.56
N PRO C 11 1.72 22.91 2.49
CA PRO C 11 1.76 21.45 2.59
C PRO C 11 3.12 21.00 3.03
N ALA C 12 3.17 19.90 3.77
CA ALA C 12 4.45 19.27 4.03
C ALA C 12 5.02 18.77 2.70
N PRO C 13 6.34 18.86 2.54
CA PRO C 13 6.97 18.43 1.30
C PRO C 13 7.01 16.92 1.26
N PRO C 14 7.09 16.34 0.06
CA PRO C 14 7.36 14.90 0.00
C PRO C 14 8.73 14.57 0.56
N LEU C 15 8.85 13.41 1.21
CA LEU C 15 10.07 13.04 1.93
C LEU C 15 11.23 12.89 0.96
N SER C 16 10.93 12.72 -0.33
CA SER C 16 11.96 12.70 -1.37
C SER C 16 12.68 14.03 -1.56
N LYS C 17 12.09 15.13 -1.08
CA LYS C 17 12.80 16.39 -1.10
C LYS C 17 13.60 16.65 0.17
N VAL C 18 13.59 15.72 1.11
CA VAL C 18 14.25 15.93 2.40
C VAL C 18 15.37 14.92 2.53
N PRO C 19 16.61 15.35 2.30
CA PRO C 19 17.73 14.43 2.39
C PRO C 19 17.87 13.84 3.79
N LEU C 20 18.43 12.64 3.85
CA LEU C 20 18.83 12.03 5.11
C LEU C 20 20.35 12.04 5.17
N GLN C 21 20.92 12.50 6.28
CA GLN C 21 22.37 12.47 6.45
C GLN C 21 22.86 11.03 6.28
N GLN C 22 23.80 10.83 5.35
CA GLN C 22 24.41 9.49 5.13
C GLN C 22 25.24 9.03 6.34
N ASN C 23 25.12 7.75 6.70
CA ASN C 23 25.95 7.12 7.74
C ASN C 23 25.87 7.96 9.01
N PHE C 24 24.64 8.24 9.44
CA PHE C 24 24.45 9.07 10.61
C PHE C 24 25.14 8.47 11.82
N GLN C 25 25.84 9.32 12.57
CA GLN C 25 26.65 8.87 13.70
C GLN C 25 26.09 9.33 15.04
N ASP C 26 25.37 8.45 15.72
CA ASP C 26 24.50 8.88 16.80
C ASP C 26 25.30 9.41 18.00
N ASN C 27 26.47 8.84 18.24
CA ASN C 27 27.29 9.28 19.37
C ASN C 27 27.85 10.68 19.13
N GLN C 28 28.28 10.94 17.91
CA GLN C 28 28.84 12.23 17.54
C GLN C 28 27.81 13.37 17.56
N PHE C 29 26.54 13.02 17.37
CA PHE C 29 25.48 14.02 17.35
C PHE C 29 25.04 14.46 18.75
N GLN C 30 25.43 13.72 19.78
CA GLN C 30 25.02 14.01 21.17
C GLN C 30 25.46 15.38 21.64
N GLY C 31 24.90 15.78 22.79
CA GLY C 31 25.32 16.98 23.49
C GLY C 31 24.34 18.14 23.21
N LYS C 32 24.76 19.34 23.53
CA LYS C 32 23.94 20.52 23.40
C LYS C 32 24.02 21.13 22.00
N TRP C 33 22.85 21.51 21.49
CA TRP C 33 22.76 22.31 20.28
C TRP C 33 21.89 23.55 20.57
N TYR C 34 22.29 24.70 20.06
CA TYR C 34 21.45 25.89 20.10
C TYR C 34 20.59 25.94 18.85
N VAL C 35 19.36 26.42 19.00
CA VAL C 35 18.48 26.62 17.86
C VAL C 35 18.68 28.00 17.27
N VAL C 36 19.46 28.03 16.19
CA VAL C 36 19.96 29.26 15.61
C VAL C 36 19.02 29.70 14.49
N GLY C 37 18.27 28.75 13.93
CA GLY C 37 17.27 29.08 12.93
C GLY C 37 16.10 28.11 12.96
N LEU C 38 14.93 28.62 12.57
CA LEU C 38 13.69 27.84 12.51
C LEU C 38 12.93 28.24 11.27
N ALA C 39 12.39 27.24 10.57
CA ALA C 39 11.56 27.48 9.41
C ALA C 39 10.45 26.45 9.39
N GLY C 40 9.25 26.87 9.03
CA GLY C 40 8.15 25.90 8.96
C GLY C 40 6.80 26.48 8.63
N ASN C 41 5.84 25.58 8.41
CA ASN C 41 4.52 26.02 8.04
C ASN C 41 3.70 26.57 9.19
N ALA C 42 4.22 26.47 10.41
CA ALA C 42 3.64 27.20 11.54
C ALA C 42 4.64 28.20 12.16
N ILE C 43 5.74 28.48 11.46
CA ILE C 43 6.67 29.53 11.90
C ILE C 43 6.32 30.82 11.16
N LEU C 44 6.23 31.92 11.90
CA LEU C 44 5.93 33.23 11.32
C LEU C 44 6.85 34.31 11.90
N ARG C 45 7.60 34.96 11.03
CA ARG C 45 8.47 36.07 11.43
C ARG C 45 7.62 37.25 11.90
N GLU C 46 7.77 37.62 13.17
CA GLU C 46 7.12 38.80 13.72
C GLU C 46 8.16 39.81 14.22
N ASP C 47 8.38 40.86 13.43
CA ASP C 47 9.18 42.00 13.85
C ASP C 47 8.79 42.46 15.25
N LYS C 48 7.48 42.52 15.50
CA LYS C 48 6.93 42.97 16.78
C LYS C 48 7.52 42.18 17.97
N ASP C 49 7.47 40.86 17.91
CA ASP C 49 7.69 40.01 19.09
C ASP C 49 8.69 38.87 18.84
N PRO C 50 10.00 39.15 18.93
CA PRO C 50 11.01 38.25 18.38
C PRO C 50 11.19 36.97 19.20
N GLN C 51 11.47 35.89 18.50
CA GLN C 51 11.65 34.59 19.13
C GLN C 51 13.00 34.58 19.86
N LYS C 52 13.01 34.09 21.11
CA LYS C 52 14.27 33.91 21.85
C LYS C 52 14.90 32.56 21.54
N MET C 53 16.23 32.52 21.51
CA MET C 53 16.96 31.29 21.34
C MET C 53 16.69 30.34 22.50
N TYR C 54 16.60 29.05 22.17
CA TYR C 54 16.61 28.02 23.17
C TYR C 54 17.64 26.98 22.76
N ALA C 55 17.88 26.02 23.66
CA ALA C 55 18.86 24.98 23.42
C ALA C 55 18.23 23.61 23.58
N THR C 56 18.78 22.63 22.86
CA THR C 56 18.29 21.28 22.93
C THR C 56 19.45 20.32 23.12
N ILE C 57 19.34 19.49 24.15
CA ILE C 57 20.38 18.55 24.49
C ILE C 57 19.97 17.12 24.13
N TYR C 58 20.81 16.44 23.38
CA TYR C 58 20.62 15.05 23.00
C TYR C 58 21.53 14.12 23.83
N GLU C 59 20.94 13.19 24.57
CA GLU C 59 21.71 12.23 25.32
C GLU C 59 21.39 10.82 24.84
N LEU C 60 22.42 10.15 24.33
CA LEU C 60 22.24 8.83 23.73
C LEU C 60 22.17 7.79 24.82
N LYS C 61 21.07 7.03 24.88
CA LYS C 61 20.91 6.02 25.92
C LYS C 61 21.44 4.66 25.47
N GLU C 62 21.55 3.75 26.44
CA GLU C 62 22.02 2.38 26.20
C GLU C 62 21.29 1.73 25.05
N ASP C 63 19.96 1.82 25.06
CA ASP C 63 19.16 1.25 23.99
C ASP C 63 19.20 2.04 22.66
N LYS C 64 20.00 3.10 22.60
CA LYS C 64 20.23 3.87 21.35
C LYS C 64 19.11 4.83 20.98
N SER C 65 18.10 4.95 21.83
CA SER C 65 17.22 6.11 21.81
C SER C 65 17.96 7.34 22.35
N TYR C 66 17.46 8.53 22.06
CA TYR C 66 17.91 9.75 22.72
C TYR C 66 16.91 10.19 23.79
N ASN C 67 17.45 10.62 24.91
CA ASN C 67 16.75 11.55 25.74
C ASN C 67 17.03 12.96 25.30
N VAL C 68 15.95 13.69 24.99
CA VAL C 68 16.07 15.00 24.36
C VAL C 68 15.46 16.03 25.29
N THR C 69 16.26 17.00 25.67
CA THR C 69 15.83 18.04 26.59
C THR C 69 16.00 19.40 25.96
N SER C 70 14.89 20.13 25.85
CA SER C 70 14.97 21.51 25.40
C SER C 70 14.83 22.44 26.60
N VAL C 71 15.65 23.49 26.62
CA VAL C 71 15.67 24.44 27.69
C VAL C 71 15.31 25.80 27.13
N LEU C 72 14.25 26.40 27.65
CA LEU C 72 13.71 27.66 27.18
C LEU C 72 13.63 28.62 28.34
N PHE C 73 13.76 29.91 28.04
CA PHE C 73 13.50 30.96 29.01
C PHE C 73 12.10 31.51 28.74
N ARG C 74 11.18 31.27 29.66
CA ARG C 74 9.82 31.75 29.47
C ARG C 74 9.15 32.09 30.79
N LYS C 75 8.43 33.19 30.77
CA LYS C 75 7.75 33.69 31.95
C LYS C 75 8.72 33.83 33.10
N LYS C 76 9.93 34.30 32.77
CA LYS C 76 10.98 34.58 33.74
C LYS C 76 11.56 33.34 34.41
N LYS C 77 11.28 32.17 33.85
CA LYS C 77 11.82 30.94 34.38
C LYS C 77 12.48 30.09 33.31
N CYS C 78 13.30 29.14 33.75
CA CYS C 78 13.80 28.10 32.88
C CYS C 78 12.76 27.00 32.76
N ASP C 79 12.41 26.71 31.52
CA ASP C 79 11.37 25.75 31.20
C ASP C 79 12.01 24.61 30.44
N TYR C 80 11.70 23.39 30.85
CA TYR C 80 12.38 22.21 30.33
C TYR C 80 11.35 21.32 29.67
N TRP C 81 11.59 20.93 28.42
CA TRP C 81 10.79 19.90 27.79
C TRP C 81 11.64 18.68 27.49
N ILE C 82 11.31 17.59 28.16
CA ILE C 82 12.04 16.35 28.04
C ILE C 82 11.17 15.34 27.26
N ARG C 83 11.73 14.77 26.21
CA ARG C 83 11.04 13.69 25.50
C ARG C 83 12.05 12.70 24.95
N THR C 84 11.55 11.60 24.39
CA THR C 84 12.40 10.50 23.93
C THR C 84 12.29 10.37 22.41
N PHE C 85 13.43 10.33 21.72
CA PHE C 85 13.47 10.01 20.28
C PHE C 85 13.90 8.58 20.08
N VAL C 86 13.02 7.79 19.49
CA VAL C 86 13.25 6.37 19.29
C VAL C 86 13.70 6.15 17.84
N PRO C 87 14.73 5.33 17.62
CA PRO C 87 15.27 5.20 16.28
C PRO C 87 14.20 4.72 15.32
N GLY C 88 14.13 5.30 14.13
CA GLY C 88 13.12 4.91 13.16
C GLY C 88 13.70 3.98 12.12
N SER C 89 13.19 4.07 10.89
CA SER C 89 13.43 3.04 9.90
C SER C 89 14.88 3.02 9.38
N GLN C 90 15.53 4.18 9.40
CA GLN C 90 16.90 4.34 8.90
C GLN C 90 17.68 5.16 9.92
N PRO C 91 19.01 4.94 10.01
CA PRO C 91 19.83 5.79 10.89
C PRO C 91 19.66 7.27 10.60
N GLY C 92 19.45 8.05 11.66
CA GLY C 92 19.25 9.50 11.51
C GLY C 92 17.77 9.84 11.48
N GLU C 93 16.93 8.82 11.46
CA GLU C 93 15.50 9.05 11.63
C GLU C 93 15.04 8.63 13.00
N PHE C 94 14.04 9.32 13.53
CA PHE C 94 13.48 8.99 14.83
C PHE C 94 11.98 9.21 14.88
N THR C 95 11.31 8.49 15.77
CA THR C 95 9.94 8.83 16.13
C THR C 95 9.86 9.22 17.60
N LEU C 96 8.75 9.85 17.98
CA LEU C 96 8.56 10.28 19.37
C LEU C 96 8.13 9.11 20.21
N GLY C 97 8.82 8.86 21.32
CA GLY C 97 8.32 7.91 22.32
C GLY C 97 7.01 8.33 22.98
N ASN C 98 6.21 7.36 23.39
CA ASN C 98 5.02 7.60 24.21
CA ASN C 98 4.99 7.56 24.20
C ASN C 98 4.04 8.57 23.57
N ILE C 99 3.78 8.40 22.28
CA ILE C 99 2.98 9.35 21.53
C ILE C 99 1.61 9.52 22.17
N LYS C 100 1.10 8.46 22.79
CA LYS C 100 -0.26 8.50 23.35
C LYS C 100 -0.38 9.51 24.48
N SER C 101 0.72 9.85 25.12
CA SER C 101 0.69 10.76 26.25
C SER C 101 0.56 12.22 25.81
N TYR C 102 0.56 12.45 24.50
CA TYR C 102 0.36 13.80 23.96
C TYR C 102 -0.98 13.90 23.23
N PRO C 103 -1.95 14.60 23.82
CA PRO C 103 -3.30 14.54 23.26
C PRO C 103 -3.37 15.14 21.86
N GLY C 104 -4.14 14.50 20.97
CA GLY C 104 -4.27 14.97 19.59
C GLY C 104 -3.19 14.47 18.65
N LEU C 105 -2.07 14.02 19.20
CA LEU C 105 -0.89 13.74 18.40
C LEU C 105 -0.97 12.34 17.81
N THR C 106 -0.90 12.22 16.50
CA THR C 106 -1.04 10.89 15.90
C THR C 106 0.23 10.45 15.20
N SER C 107 1.11 11.37 14.82
CA SER C 107 2.41 10.98 14.31
C SER C 107 3.46 12.06 14.47
N TYR C 108 4.72 11.62 14.51
CA TYR C 108 5.82 12.53 14.79
C TYR C 108 7.11 11.91 14.26
N LEU C 109 7.70 12.59 13.28
CA LEU C 109 8.87 12.08 12.60
C LEU C 109 10.02 13.12 12.69
N VAL C 110 11.22 12.62 12.94
CA VAL C 110 12.43 13.41 12.92
C VAL C 110 13.38 12.82 11.86
N ARG C 111 13.98 13.68 11.04
CA ARG C 111 14.97 13.24 10.06
C ARG C 111 16.13 14.23 10.07
N VAL C 112 17.30 13.75 10.43
CA VAL C 112 18.51 14.59 10.36
C VAL C 112 18.92 14.71 8.90
N VAL C 113 18.87 15.93 8.39
CA VAL C 113 19.08 16.20 6.99
C VAL C 113 20.57 16.29 6.65
N SER C 114 21.31 17.08 7.43
CA SER C 114 22.75 17.23 7.23
C SER C 114 23.38 17.78 8.51
N THR C 115 24.63 17.37 8.76
CA THR C 115 25.37 17.86 9.93
C THR C 115 26.85 17.58 9.72
N ASN C 116 27.73 18.39 10.32
CA ASN C 116 29.11 18.00 10.51
C ASN C 116 29.46 17.67 11.95
N TYR C 117 28.44 17.55 12.79
CA TYR C 117 28.57 17.09 14.18
C TYR C 117 29.23 18.09 15.14
N ASN C 118 30.29 18.76 14.70
CA ASN C 118 31.08 19.60 15.58
C ASN C 118 30.69 21.06 15.56
N GLN C 119 29.86 21.46 14.61
CA GLN C 119 29.49 22.87 14.46
C GLN C 119 27.98 23.08 14.18
N HIS C 120 27.44 22.40 13.17
CA HIS C 120 26.11 22.72 12.66
C HIS C 120 25.30 21.47 12.26
N ALA C 121 23.98 21.59 12.30
CA ALA C 121 23.08 20.56 11.80
C ALA C 121 21.78 21.18 11.29
N MET C 122 21.13 20.51 10.35
CA MET C 122 19.77 20.80 10.00
C MET C 122 18.95 19.55 10.20
N VAL C 123 17.80 19.72 10.87
CA VAL C 123 16.94 18.61 11.18
C VAL C 123 15.51 18.93 10.77
N PHE C 124 14.89 17.96 10.10
CA PHE C 124 13.49 18.07 9.65
C PHE C 124 12.58 17.37 10.65
N PHE C 125 11.46 18.03 10.98
CA PHE C 125 10.45 17.47 11.86
C PHE C 125 9.09 17.56 11.19
N LYS C 126 8.29 16.51 11.33
CA LYS C 126 6.95 16.52 10.80
C LYS C 126 6.04 15.87 11.81
N LYS C 127 4.88 16.47 12.04
CA LYS C 127 3.95 15.94 13.00
C LYS C 127 2.51 16.15 12.57
N VAL C 128 1.65 15.22 12.94
CA VAL C 128 0.24 15.35 12.66
C VAL C 128 -0.51 15.42 13.97
N SER C 129 -1.24 16.52 14.16
CA SER C 129 -1.92 16.76 15.41
C SER C 129 -3.28 17.35 15.08
N GLN C 130 -4.33 16.72 15.61
CA GLN C 130 -5.68 17.03 15.20
C GLN C 130 -5.83 16.98 13.68
N ASN C 131 -5.19 16.01 13.03
CA ASN C 131 -5.26 15.85 11.59
C ASN C 131 -4.52 16.92 10.79
N ARG C 132 -3.92 17.89 11.48
CA ARG C 132 -3.18 18.93 10.78
C ARG C 132 -1.73 18.55 10.71
N GLU C 133 -1.15 18.67 9.51
CA GLU C 133 0.22 18.27 9.29
C GLU C 133 1.17 19.47 9.38
N TYR C 134 2.00 19.50 10.44
CA TYR C 134 2.98 20.57 10.65
C TYR C 134 4.37 20.08 10.31
N PHE C 135 5.19 20.95 9.73
CA PHE C 135 6.60 20.62 9.52
C PHE C 135 7.50 21.80 9.79
N LYS C 136 8.72 21.51 10.21
CA LYS C 136 9.72 22.52 10.42
C LYS C 136 11.11 22.01 10.14
N ILE C 137 12.00 22.95 9.85
CA ILE C 137 13.40 22.68 9.77
C ILE C 137 14.09 23.51 10.81
N THR C 138 14.91 22.85 11.60
CA THR C 138 15.63 23.48 12.67
C THR C 138 17.08 23.54 12.27
N LEU C 139 17.66 24.72 12.38
CA LEU C 139 19.10 24.90 12.19
C LEU C 139 19.74 24.98 13.56
N TYR C 140 20.56 23.96 13.86
CA TYR C 140 21.28 23.85 15.10
C TYR C 140 22.73 24.32 14.97
N GLY C 141 23.24 24.97 16.01
CA GLY C 141 24.65 25.35 16.11
C GLY C 141 25.22 24.88 17.43
N ARG C 142 26.50 24.52 17.45
CA ARG C 142 27.15 24.20 18.72
C ARG C 142 27.41 25.49 19.52
N THR C 143 27.44 26.62 18.83
CA THR C 143 27.48 27.93 19.47
C THR C 143 26.26 28.73 19.03
N LYS C 144 26.07 29.88 19.66
CA LYS C 144 24.86 30.67 19.45
C LYS C 144 24.86 31.43 18.14
N GLU C 145 25.99 31.46 17.47
CA GLU C 145 26.10 32.18 16.23
C GLU C 145 26.50 31.21 15.13
N LEU C 146 26.06 31.46 13.92
CA LEU C 146 26.60 30.71 12.81
C LEU C 146 26.88 31.65 11.67
N THR C 147 27.70 31.21 10.75
CA THR C 147 28.13 32.04 9.63
C THR C 147 26.95 32.38 8.72
N SER C 148 27.07 33.51 8.05
CA SER C 148 26.17 33.87 6.95
C SER C 148 26.01 32.75 5.96
N GLU C 149 27.11 32.07 5.62
CA GLU C 149 27.08 30.99 4.65
C GLU C 149 26.13 29.88 5.10
N LEU C 150 26.26 29.48 6.36
CA LEU C 150 25.45 28.39 6.88
C LEU C 150 23.99 28.81 7.01
N LYS C 151 23.76 30.06 7.36
CA LYS C 151 22.39 30.57 7.42
C LYS C 151 21.75 30.68 6.03
N GLU C 152 22.53 31.11 5.05
CA GLU C 152 22.06 31.15 3.68
C GLU C 152 21.77 29.77 3.12
N ASN C 153 22.59 28.76 3.47
CA ASN C 153 22.29 27.37 3.10
C ASN C 153 20.94 26.96 3.66
N PHE C 154 20.69 27.31 4.92
CA PHE C 154 19.43 26.98 5.59
C PHE C 154 18.22 27.64 4.92
N ILE C 155 18.36 28.91 4.56
CA ILE C 155 17.29 29.61 3.88
C ILE C 155 17.00 28.95 2.53
N ARG C 156 18.05 28.64 1.78
CA ARG C 156 17.89 28.02 0.46
C ARG C 156 17.18 26.66 0.59
N PHE C 157 17.60 25.86 1.55
CA PHE C 157 16.94 24.59 1.78
C PHE C 157 15.46 24.78 2.18
N SER C 158 15.20 25.70 3.09
CA SER C 158 13.83 25.95 3.51
C SER C 158 12.93 26.36 2.35
N LYS C 159 13.44 27.24 1.49
CA LYS C 159 12.69 27.64 0.30
C LYS C 159 12.42 26.49 -0.66
N SER C 160 13.35 25.56 -0.77
CA SER C 160 13.16 24.40 -1.62
C SER C 160 11.99 23.51 -1.13
N LEU C 161 11.60 23.67 0.13
CA LEU C 161 10.49 22.89 0.69
C LEU C 161 9.18 23.68 0.68
N GLY C 162 9.22 24.83 0.00
CA GLY C 162 8.01 25.58 -0.29
C GLY C 162 7.73 26.66 0.74
N LEU C 163 8.72 26.95 1.58
CA LEU C 163 8.53 27.99 2.59
C LEU C 163 9.02 29.33 2.04
N PRO C 164 8.15 30.36 2.10
CA PRO C 164 8.63 31.71 1.85
C PRO C 164 9.42 32.30 3.03
N GLU C 165 10.04 33.45 2.77
CA GLU C 165 11.05 33.96 3.69
C GLU C 165 10.43 34.43 5.00
N ASN C 166 9.16 34.81 4.96
CA ASN C 166 8.52 35.21 6.20
C ASN C 166 8.12 34.01 7.11
N HIS C 167 8.40 32.79 6.68
CA HIS C 167 8.24 31.59 7.52
C HIS C 167 9.58 31.06 7.99
N ILE C 168 10.58 31.94 8.03
CA ILE C 168 11.91 31.60 8.49
C ILE C 168 12.32 32.63 9.54
N VAL C 169 12.75 32.16 10.71
CA VAL C 169 13.19 33.06 11.76
C VAL C 169 14.53 32.66 12.33
N PHE C 170 15.26 33.65 12.84
CA PHE C 170 16.52 33.42 13.51
C PHE C 170 16.43 33.89 14.95
N PRO C 171 16.22 32.96 15.88
CA PRO C 171 16.02 33.37 17.26
C PRO C 171 17.19 34.16 17.82
N VAL C 172 16.87 35.10 18.70
CA VAL C 172 17.85 36.03 19.27
C VAL C 172 18.60 35.36 20.41
N PRO C 173 19.94 35.40 20.36
CA PRO C 173 20.72 34.80 21.43
C PRO C 173 20.35 35.41 22.78
N ILE C 174 20.30 34.60 23.82
CA ILE C 174 20.09 35.10 25.19
C ILE C 174 21.06 34.36 26.10
N ASP C 175 21.17 34.84 27.35
CA ASP C 175 22.08 34.26 28.33
C ASP C 175 21.36 33.51 29.43
N GLN C 176 20.08 33.77 29.64
CA GLN C 176 19.34 33.08 30.68
C GLN C 176 19.09 31.61 30.27
N CYS C 177 19.33 30.71 31.21
CA CYS C 177 18.89 29.31 31.14
C CYS C 177 19.66 28.42 30.20
N ILE C 178 19.97 28.92 29.01
CA ILE C 178 20.36 28.00 27.94
C ILE C 178 21.85 27.65 27.92
N ASP C 179 22.62 28.16 28.86
CA ASP C 179 24.07 27.87 28.93
C ASP C 179 24.49 26.93 30.07
N ASP D 4 -31.78 35.57 -6.92
CA ASP D 4 -32.59 35.36 -8.15
C ASP D 4 -31.86 34.46 -9.15
N SER D 5 -32.53 33.41 -9.60
CA SER D 5 -31.92 32.42 -10.51
C SER D 5 -32.94 31.46 -11.12
N THR D 6 -32.45 30.64 -12.07
CA THR D 6 -32.93 29.29 -12.36
C THR D 6 -31.72 28.33 -12.48
N SER D 7 -31.87 27.04 -12.15
CA SER D 7 -30.82 26.03 -12.50
C SER D 7 -31.14 24.53 -12.26
N ASP D 8 -31.55 23.79 -13.29
CA ASP D 8 -32.30 22.53 -13.10
C ASP D 8 -31.44 21.40 -12.56
N LEU D 9 -32.07 20.50 -11.80
CA LEU D 9 -31.35 19.39 -11.19
C LEU D 9 -32.04 18.07 -11.52
N ILE D 10 -31.25 17.02 -11.65
CA ILE D 10 -31.77 15.67 -11.64
C ILE D 10 -32.36 15.41 -10.26
N PRO D 11 -33.63 14.96 -10.20
CA PRO D 11 -34.30 14.70 -8.94
C PRO D 11 -33.60 13.68 -8.06
N ALA D 12 -33.64 13.87 -6.75
CA ALA D 12 -33.07 12.89 -5.83
C ALA D 12 -33.83 11.58 -5.92
N PRO D 13 -33.14 10.44 -5.75
CA PRO D 13 -33.87 9.18 -5.74
C PRO D 13 -34.64 9.02 -4.44
N PRO D 14 -35.71 8.22 -4.44
CA PRO D 14 -36.30 7.85 -3.16
C PRO D 14 -35.33 7.03 -2.31
N LEU D 15 -35.40 7.21 -1.00
CA LEU D 15 -34.47 6.56 -0.09
C LEU D 15 -34.58 5.06 -0.11
N SER D 16 -35.72 4.55 -0.54
CA SER D 16 -35.89 3.11 -0.70
C SER D 16 -34.95 2.52 -1.75
N LYS D 17 -34.39 3.35 -2.63
CA LYS D 17 -33.43 2.84 -3.61
C LYS D 17 -31.99 2.88 -3.12
N VAL D 18 -31.80 3.34 -1.89
CA VAL D 18 -30.45 3.48 -1.36
C VAL D 18 -30.23 2.48 -0.23
N PRO D 19 -29.54 1.37 -0.53
CA PRO D 19 -29.29 0.37 0.50
C PRO D 19 -28.49 0.91 1.67
N LEU D 20 -28.67 0.25 2.81
CA LEU D 20 -27.89 0.53 3.99
C LEU D 20 -26.99 -0.68 4.29
N GLN D 21 -25.70 -0.45 4.54
CA GLN D 21 -24.80 -1.52 4.94
C GLN D 21 -25.34 -2.27 6.16
N GLN D 22 -25.55 -3.58 6.05
CA GLN D 22 -26.02 -4.40 7.18
C GLN D 22 -24.96 -4.46 8.29
N ASN D 23 -25.45 -4.45 9.53
CA ASN D 23 -24.62 -4.64 10.71
C ASN D 23 -23.48 -3.63 10.75
N PHE D 24 -23.76 -2.36 10.47
CA PHE D 24 -22.70 -1.37 10.30
C PHE D 24 -21.87 -1.30 11.57
N GLN D 25 -20.55 -1.31 11.41
CA GLN D 25 -19.62 -1.29 12.53
C GLN D 25 -18.90 0.06 12.61
N ASP D 26 -19.35 0.95 13.51
CA ASP D 26 -18.90 2.33 13.51
C ASP D 26 -17.42 2.48 13.84
N ASN D 27 -16.91 1.65 14.73
CA ASN D 27 -15.52 1.70 15.09
C ASN D 27 -14.58 1.31 13.95
N GLN D 28 -14.99 0.35 13.15
CA GLN D 28 -14.18 -0.16 12.04
C GLN D 28 -14.16 0.76 10.82
N PHE D 29 -15.15 1.65 10.74
CA PHE D 29 -15.23 2.59 9.65
C PHE D 29 -14.32 3.81 9.85
N GLN D 30 -13.77 3.95 11.06
CA GLN D 30 -12.89 5.07 11.40
C GLN D 30 -11.61 5.13 10.59
N GLY D 31 -10.97 6.29 10.62
CA GLY D 31 -9.69 6.47 9.98
C GLY D 31 -9.83 7.21 8.65
N LYS D 32 -8.79 7.13 7.84
CA LYS D 32 -8.72 7.88 6.61
C LYS D 32 -9.26 7.11 5.42
N TRP D 33 -10.05 7.80 4.60
CA TRP D 33 -10.55 7.30 3.33
C TRP D 33 -10.19 8.30 2.23
N TYR D 34 -9.77 7.80 1.08
CA TYR D 34 -9.58 8.66 -0.07
C TYR D 34 -10.84 8.67 -0.92
N VAL D 35 -11.16 9.83 -1.47
CA VAL D 35 -12.28 9.93 -2.39
C VAL D 35 -11.85 9.60 -3.82
N VAL D 36 -12.17 8.38 -4.24
CA VAL D 36 -11.70 7.80 -5.48
C VAL D 36 -12.73 7.99 -6.59
N GLY D 37 -13.98 8.19 -6.20
CA GLY D 37 -15.04 8.50 -7.16
C GLY D 37 -16.14 9.33 -6.57
N LEU D 38 -16.75 10.19 -7.41
CA LEU D 38 -17.84 11.07 -6.99
C LEU D 38 -18.88 11.09 -8.07
N ALA D 39 -20.14 10.95 -7.67
CA ALA D 39 -21.27 11.06 -8.59
C ALA D 39 -22.38 11.84 -7.94
N GLY D 40 -23.03 12.73 -8.69
CA GLY D 40 -24.15 13.46 -8.13
C GLY D 40 -24.77 14.49 -9.04
N ASN D 41 -25.90 15.03 -8.62
CA ASN D 41 -26.66 15.91 -9.47
C ASN D 41 -26.04 17.29 -9.56
N ALA D 42 -25.02 17.56 -8.76
CA ALA D 42 -24.21 18.75 -8.97
C ALA D 42 -22.78 18.41 -9.36
N ILE D 43 -22.50 17.15 -9.64
CA ILE D 43 -21.18 16.76 -10.10
C ILE D 43 -21.19 16.79 -11.64
N LEU D 44 -20.19 17.42 -12.22
CA LEU D 44 -20.13 17.56 -13.67
C LEU D 44 -18.70 17.33 -14.15
N ARG D 45 -18.53 16.32 -14.99
CA ARG D 45 -17.22 16.00 -15.53
C ARG D 45 -16.73 17.12 -16.45
N GLU D 46 -15.61 17.73 -16.08
CA GLU D 46 -14.94 18.72 -16.92
C GLU D 46 -13.50 18.28 -17.26
N ASP D 47 -13.32 17.78 -18.48
CA ASP D 47 -11.98 17.49 -19.00
C ASP D 47 -11.04 18.67 -18.79
N LYS D 48 -11.57 19.87 -19.01
CA LYS D 48 -10.78 21.10 -18.87
C LYS D 48 -10.09 21.19 -17.51
N ASP D 49 -10.84 21.01 -16.43
CA ASP D 49 -10.38 21.40 -15.09
C ASP D 49 -10.59 20.30 -14.06
N PRO D 50 -9.67 19.31 -14.02
CA PRO D 50 -9.97 18.04 -13.36
C PRO D 50 -10.02 18.15 -11.84
N GLN D 51 -10.90 17.36 -11.23
CA GLN D 51 -11.02 17.31 -9.77
C GLN D 51 -9.79 16.61 -9.20
N LYS D 52 -9.20 17.20 -8.16
CA LYS D 52 -8.12 16.54 -7.43
C LYS D 52 -8.67 15.67 -6.32
N MET D 53 -8.01 14.54 -6.08
CA MET D 53 -8.38 13.68 -4.96
C MET D 53 -8.24 14.41 -3.64
N TYR D 54 -9.15 14.15 -2.73
CA TYR D 54 -8.99 14.57 -1.34
C TYR D 54 -9.25 13.42 -0.44
N ALA D 55 -9.00 13.62 0.85
CA ALA D 55 -9.17 12.57 1.83
C ALA D 55 -10.11 13.02 2.94
N THR D 56 -10.80 12.06 3.53
CA THR D 56 -11.70 12.33 4.62
C THR D 56 -11.47 11.37 5.77
N ILE D 57 -11.29 11.94 6.95
CA ILE D 57 -10.94 11.19 8.14
C ILE D 57 -12.11 11.15 9.12
N TYR D 58 -12.50 9.93 9.52
CA TYR D 58 -13.63 9.72 10.43
C TYR D 58 -13.09 9.32 11.80
N GLU D 59 -13.48 10.07 12.83
CA GLU D 59 -13.04 9.80 14.17
C GLU D 59 -14.28 9.66 15.06
N LEU D 60 -14.42 8.49 15.66
CA LEU D 60 -15.60 8.18 16.44
C LEU D 60 -15.41 8.78 17.81
N LYS D 61 -16.34 9.63 18.23
CA LYS D 61 -16.24 10.25 19.54
C LYS D 61 -16.92 9.40 20.63
N GLU D 62 -16.69 9.78 21.87
CA GLU D 62 -17.29 9.14 23.03
C GLU D 62 -18.78 8.98 22.88
N ASP D 63 -19.48 10.04 22.49
CA ASP D 63 -20.92 9.98 22.29
C ASP D 63 -21.36 9.27 21.00
N LYS D 64 -20.41 8.71 20.25
CA LYS D 64 -20.72 7.89 19.08
C LYS D 64 -21.09 8.68 17.83
N SER D 65 -21.02 10.00 17.91
CA SER D 65 -20.96 10.81 16.71
C SER D 65 -19.58 10.70 16.08
N TYR D 66 -19.45 11.04 14.79
CA TYR D 66 -18.15 11.19 14.17
C TYR D 66 -17.75 12.65 14.08
N ASN D 67 -16.49 12.92 14.37
CA ASN D 67 -15.81 14.07 13.85
C ASN D 67 -15.26 13.70 12.49
N VAL D 68 -15.62 14.49 11.49
CA VAL D 68 -15.26 14.19 10.13
C VAL D 68 -14.46 15.34 9.55
N THR D 69 -13.25 15.03 9.09
CA THR D 69 -12.33 16.04 8.61
C THR D 69 -11.91 15.71 7.19
N SER D 70 -12.21 16.61 6.27
CA SER D 70 -11.72 16.45 4.92
C SER D 70 -10.52 17.35 4.70
N VAL D 71 -9.53 16.83 4.01
CA VAL D 71 -8.30 17.53 3.72
C VAL D 71 -8.15 17.65 2.19
N LEU D 72 -8.09 18.90 1.73
CA LEU D 72 -8.05 19.19 0.29
C LEU D 72 -6.84 20.04 0.00
N PHE D 73 -6.29 19.88 -1.21
CA PHE D 73 -5.21 20.72 -1.70
C PHE D 73 -5.82 21.81 -2.58
N ARG D 74 -5.77 23.05 -2.11
CA ARG D 74 -6.49 24.13 -2.72
C ARG D 74 -5.63 25.37 -2.66
N LYS D 75 -5.43 26.01 -3.81
CA LYS D 75 -4.71 27.27 -3.86
C LYS D 75 -3.33 27.13 -3.20
N LYS D 76 -2.69 26.00 -3.48
CA LYS D 76 -1.34 25.68 -3.02
C LYS D 76 -1.20 25.42 -1.52
N LYS D 77 -2.34 25.23 -0.85
CA LYS D 77 -2.34 24.92 0.57
C LYS D 77 -3.20 23.75 0.91
N CYS D 78 -3.00 23.19 2.10
CA CYS D 78 -3.90 22.22 2.66
C CYS D 78 -5.07 22.92 3.34
N ASP D 79 -6.27 22.53 2.92
CA ASP D 79 -7.50 23.12 3.44
CA ASP D 79 -7.49 23.13 3.43
C ASP D 79 -8.26 22.05 4.19
N TYR D 80 -8.76 22.40 5.36
CA TYR D 80 -9.41 21.42 6.25
C TYR D 80 -10.89 21.78 6.48
N TRP D 81 -11.81 20.85 6.18
CA TRP D 81 -13.23 21.05 6.49
C TRP D 81 -13.70 20.04 7.54
N ILE D 82 -14.07 20.57 8.70
CA ILE D 82 -14.42 19.76 9.85
C ILE D 82 -15.91 19.88 10.11
N ARG D 83 -16.57 18.76 10.25
CA ARG D 83 -17.96 18.75 10.64
C ARG D 83 -18.29 17.50 11.44
N THR D 84 -19.51 17.46 11.98
CA THR D 84 -19.95 16.36 12.83
C THR D 84 -21.05 15.54 12.13
N PHE D 85 -20.92 14.22 12.12
CA PHE D 85 -22.03 13.31 11.74
C PHE D 85 -22.68 12.68 12.99
N VAL D 86 -23.98 12.94 13.16
CA VAL D 86 -24.73 12.50 14.34
C VAL D 86 -25.55 11.28 13.95
N PRO D 87 -25.48 10.21 14.76
CA PRO D 87 -26.18 8.97 14.39
C PRO D 87 -27.68 9.21 14.15
N GLY D 88 -28.21 8.59 13.11
CA GLY D 88 -29.61 8.77 12.75
C GLY D 88 -30.41 7.53 13.12
N SER D 89 -31.40 7.22 12.29
CA SER D 89 -32.47 6.33 12.64
C SER D 89 -32.05 4.86 12.68
N GLN D 90 -30.92 4.54 12.04
CA GLN D 90 -30.41 3.19 12.05
C GLN D 90 -28.88 3.21 11.86
N PRO D 91 -28.20 2.14 12.28
CA PRO D 91 -26.74 2.12 12.18
C PRO D 91 -26.24 2.34 10.76
N GLY D 92 -25.33 3.29 10.60
CA GLY D 92 -24.79 3.59 9.27
C GLY D 92 -25.46 4.80 8.64
N GLU D 93 -26.51 5.30 9.28
CA GLU D 93 -27.16 6.53 8.85
C GLU D 93 -26.88 7.68 9.83
N PHE D 94 -26.71 8.88 9.29
CA PHE D 94 -26.30 10.05 10.08
C PHE D 94 -26.99 11.30 9.59
N THR D 95 -27.08 12.32 10.44
CA THR D 95 -27.37 13.68 10.00
C THR D 95 -26.19 14.60 10.33
N LEU D 96 -26.14 15.77 9.70
CA LEU D 96 -25.10 16.76 10.00
C LEU D 96 -25.41 17.41 11.34
N GLY D 97 -24.44 17.44 12.24
CA GLY D 97 -24.57 18.21 13.49
C GLY D 97 -24.65 19.73 13.27
N ASN D 98 -25.35 20.42 14.15
CA ASN D 98 -25.37 21.89 14.16
CA ASN D 98 -25.34 21.90 14.17
C ASN D 98 -25.79 22.49 12.83
N ILE D 99 -26.88 21.97 12.28
CA ILE D 99 -27.33 22.40 10.96
C ILE D 99 -27.58 23.90 10.92
N LYS D 100 -27.99 24.49 12.04
CA LYS D 100 -28.33 25.90 12.09
C LYS D 100 -27.13 26.79 11.80
N SER D 101 -25.93 26.28 12.02
CA SER D 101 -24.73 27.06 11.82
C SER D 101 -24.35 27.17 10.34
N TYR D 102 -25.08 26.47 9.46
CA TYR D 102 -24.84 26.58 8.02
C TYR D 102 -25.98 27.32 7.33
N PRO D 103 -25.74 28.57 6.92
CA PRO D 103 -26.81 29.37 6.33
C PRO D 103 -27.35 28.73 5.05
N GLY D 104 -28.67 28.75 4.88
CA GLY D 104 -29.30 28.12 3.71
C GLY D 104 -29.65 26.66 3.85
N LEU D 105 -28.99 25.98 4.78
CA LEU D 105 -29.06 24.52 4.85
C LEU D 105 -30.22 24.07 5.70
N THR D 106 -31.08 23.21 5.15
CA THR D 106 -32.23 22.80 5.93
C THR D 106 -32.20 21.33 6.25
N SER D 107 -31.54 20.52 5.43
CA SER D 107 -31.42 19.11 5.74
CA SER D 107 -31.41 19.11 5.75
C SER D 107 -30.16 18.51 5.14
N TYR D 108 -29.66 17.45 5.76
CA TYR D 108 -28.40 16.82 5.36
C TYR D 108 -28.33 15.39 5.89
N LEU D 109 -28.36 14.42 4.99
CA LEU D 109 -28.43 13.02 5.36
C LEU D 109 -27.22 12.27 4.81
N VAL D 110 -26.70 11.34 5.60
CA VAL D 110 -25.64 10.44 5.17
C VAL D 110 -26.10 8.98 5.38
N ARG D 111 -25.87 8.14 4.39
CA ARG D 111 -26.14 6.72 4.52
C ARG D 111 -25.00 5.92 3.94
N VAL D 112 -24.36 5.11 4.78
CA VAL D 112 -23.35 4.18 4.29
C VAL D 112 -24.02 3.02 3.56
N VAL D 113 -23.76 2.91 2.27
CA VAL D 113 -24.44 1.98 1.40
C VAL D 113 -23.78 0.60 1.48
N SER D 114 -22.45 0.59 1.39
CA SER D 114 -21.67 -0.65 1.48
C SER D 114 -20.24 -0.32 1.87
N THR D 115 -19.58 -1.28 2.53
CA THR D 115 -18.17 -1.17 2.83
C THR D 115 -17.64 -2.51 3.33
N ASN D 116 -16.34 -2.77 3.09
CA ASN D 116 -15.66 -3.86 3.78
C ASN D 116 -14.61 -3.35 4.77
N TYR D 117 -14.68 -2.05 5.08
CA TYR D 117 -13.94 -1.43 6.19
C TYR D 117 -12.45 -1.26 5.93
N ASN D 118 -11.83 -2.21 5.25
CA ASN D 118 -10.38 -2.17 5.06
C ASN D 118 -9.91 -1.92 3.64
N GLN D 119 -10.85 -1.76 2.69
CA GLN D 119 -10.51 -1.38 1.32
C GLN D 119 -11.41 -0.32 0.70
N HIS D 120 -12.74 -0.52 0.77
CA HIS D 120 -13.66 0.33 0.01
C HIS D 120 -14.92 0.65 0.80
N ALA D 121 -15.57 1.75 0.42
CA ALA D 121 -16.91 2.07 0.87
C ALA D 121 -17.64 2.92 -0.17
N MET D 122 -18.96 2.84 -0.17
CA MET D 122 -19.80 3.78 -0.92
C MET D 122 -20.77 4.40 0.04
N VAL D 123 -20.87 5.73 -0.03
CA VAL D 123 -21.68 6.48 0.91
C VAL D 123 -22.55 7.47 0.15
N PHE D 124 -23.82 7.49 0.51
CA PHE D 124 -24.84 8.37 -0.08
C PHE D 124 -25.04 9.59 0.78
N PHE D 125 -25.13 10.75 0.14
CA PHE D 125 -25.38 12.00 0.80
C PHE D 125 -26.53 12.75 0.11
N LYS D 126 -27.40 13.35 0.90
CA LYS D 126 -28.48 14.18 0.38
C LYS D 126 -28.64 15.42 1.24
N LYS D 127 -28.77 16.57 0.60
CA LYS D 127 -28.88 17.81 1.30
C LYS D 127 -29.83 18.76 0.59
N VAL D 128 -30.56 19.54 1.37
CA VAL D 128 -31.42 20.59 0.84
C VAL D 128 -30.87 21.93 1.29
N SER D 129 -30.52 22.76 0.32
CA SER D 129 -29.88 24.03 0.59
C SER D 129 -30.43 25.04 -0.36
N GLN D 130 -30.91 26.16 0.19
CA GLN D 130 -31.66 27.13 -0.58
C GLN D 130 -32.80 26.46 -1.31
N ASN D 131 -33.43 25.48 -0.68
CA ASN D 131 -34.60 24.82 -1.24
C ASN D 131 -34.27 23.92 -2.44
N ARG D 132 -32.99 23.82 -2.77
CA ARG D 132 -32.55 22.89 -3.81
C ARG D 132 -32.08 21.56 -3.21
N GLU D 133 -32.51 20.46 -3.80
CA GLU D 133 -32.16 19.13 -3.31
C GLU D 133 -30.99 18.51 -4.07
N TYR D 134 -29.86 18.37 -3.37
CA TYR D 134 -28.62 17.83 -3.95
C TYR D 134 -28.39 16.43 -3.42
N PHE D 135 -27.87 15.55 -4.26
CA PHE D 135 -27.43 14.25 -3.79
C PHE D 135 -26.15 13.82 -4.48
N LYS D 136 -25.38 13.02 -3.77
CA LYS D 136 -24.17 12.45 -4.33
C LYS D 136 -23.89 11.09 -3.74
N ILE D 137 -23.06 10.34 -4.45
CA ILE D 137 -22.51 9.11 -3.95
C ILE D 137 -21.00 9.24 -4.02
N THR D 138 -20.35 8.92 -2.92
CA THR D 138 -18.92 9.00 -2.83
C THR D 138 -18.38 7.57 -2.76
N LEU D 139 -17.41 7.30 -3.62
CA LEU D 139 -16.67 6.07 -3.56
C LEU D 139 -15.35 6.33 -2.82
N TYR D 140 -15.20 5.68 -1.67
CA TYR D 140 -14.02 5.79 -0.82
C TYR D 140 -13.13 4.56 -0.98
N GLY D 141 -11.82 4.79 -0.92
CA GLY D 141 -10.82 3.72 -0.93
C GLY D 141 -9.89 3.94 0.25
N ARG D 142 -9.41 2.87 0.90
CA ARG D 142 -8.35 3.04 1.89
C ARG D 142 -7.03 3.38 1.20
N THR D 143 -6.92 3.07 -0.08
CA THR D 143 -5.80 3.55 -0.89
C THR D 143 -6.33 4.45 -2.01
N LYS D 144 -5.43 5.02 -2.80
CA LYS D 144 -5.81 5.99 -3.85
C LYS D 144 -6.28 5.33 -5.13
N GLU D 145 -6.13 4.01 -5.22
CA GLU D 145 -6.51 3.28 -6.41
C GLU D 145 -7.68 2.37 -6.07
N LEU D 146 -8.54 2.08 -7.03
CA LEU D 146 -9.44 0.93 -6.90
C LEU D 146 -9.60 0.27 -8.27
N THR D 147 -10.06 -0.97 -8.28
CA THR D 147 -10.10 -1.76 -9.50
C THR D 147 -11.13 -1.23 -10.50
N SER D 148 -10.91 -1.50 -11.78
CA SER D 148 -11.90 -1.26 -12.81
C SER D 148 -13.24 -1.85 -12.43
N GLU D 149 -13.23 -3.05 -11.87
CA GLU D 149 -14.46 -3.71 -11.50
C GLU D 149 -15.25 -2.89 -10.49
N LEU D 150 -14.56 -2.39 -9.46
CA LEU D 150 -15.23 -1.63 -8.41
C LEU D 150 -15.74 -0.31 -8.97
N LYS D 151 -14.97 0.28 -9.86
CA LYS D 151 -15.38 1.55 -10.43
C LYS D 151 -16.57 1.38 -11.38
N GLU D 152 -16.60 0.30 -12.16
CA GLU D 152 -17.81 -0.05 -12.93
C GLU D 152 -19.03 -0.33 -12.06
N ASN D 153 -18.83 -0.99 -10.93
CA ASN D 153 -19.93 -1.19 -9.98
C ASN D 153 -20.47 0.14 -9.48
N PHE D 154 -19.57 1.06 -9.18
CA PHE D 154 -19.94 2.38 -8.67
C PHE D 154 -20.76 3.12 -9.73
N ILE D 155 -20.32 3.02 -10.97
CA ILE D 155 -21.02 3.66 -12.07
C ILE D 155 -22.44 3.09 -12.25
N ARG D 156 -22.55 1.76 -12.21
CA ARG D 156 -23.83 1.09 -12.31
C ARG D 156 -24.77 1.50 -11.15
N PHE D 157 -24.25 1.53 -9.93
CA PHE D 157 -25.07 2.00 -8.81
C PHE D 157 -25.53 3.45 -9.03
N SER D 158 -24.61 4.31 -9.44
CA SER D 158 -24.91 5.71 -9.67
C SER D 158 -26.01 5.86 -10.71
N LYS D 159 -25.92 5.08 -11.79
CA LYS D 159 -26.95 5.08 -12.83
C LYS D 159 -28.32 4.61 -12.32
N SER D 160 -28.34 3.63 -11.43
CA SER D 160 -29.59 3.18 -10.82
C SER D 160 -30.26 4.27 -9.96
N LEU D 161 -29.50 5.29 -9.55
CA LEU D 161 -30.09 6.43 -8.87
C LEU D 161 -30.31 7.62 -9.77
N GLY D 162 -30.20 7.41 -11.08
CA GLY D 162 -30.62 8.40 -12.05
C GLY D 162 -29.50 9.27 -12.60
N LEU D 163 -28.26 8.92 -12.31
CA LEU D 163 -27.16 9.75 -12.79
C LEU D 163 -26.53 9.20 -14.07
N PRO D 164 -26.47 10.01 -15.12
CA PRO D 164 -25.69 9.60 -16.28
C PRO D 164 -24.18 9.72 -16.07
N GLU D 165 -23.43 9.27 -17.06
CA GLU D 165 -21.99 9.14 -16.95
C GLU D 165 -21.30 10.48 -16.78
N ASN D 166 -21.85 11.52 -17.38
CA ASN D 166 -21.21 12.82 -17.29
C ASN D 166 -21.45 13.52 -15.95
N HIS D 167 -22.17 12.88 -15.04
CA HIS D 167 -22.27 13.33 -13.65
C HIS D 167 -21.47 12.48 -12.69
N ILE D 168 -20.46 11.81 -13.21
CA ILE D 168 -19.60 10.93 -12.43
C ILE D 168 -18.17 11.35 -12.72
N VAL D 169 -17.37 11.56 -11.67
CA VAL D 169 -15.95 11.89 -11.86
C VAL D 169 -15.05 11.03 -10.99
N PHE D 170 -13.84 10.84 -11.46
CA PHE D 170 -12.84 10.13 -10.70
C PHE D 170 -11.66 11.05 -10.41
N PRO D 171 -11.58 11.56 -9.18
CA PRO D 171 -10.57 12.57 -8.88
C PRO D 171 -9.16 12.01 -9.07
N VAL D 172 -8.27 12.85 -9.57
CA VAL D 172 -6.91 12.46 -9.90
C VAL D 172 -6.08 12.34 -8.62
N PRO D 173 -5.43 11.19 -8.40
CA PRO D 173 -4.55 11.06 -7.23
C PRO D 173 -3.51 12.18 -7.18
N ILE D 174 -3.26 12.70 -5.99
CA ILE D 174 -2.18 13.65 -5.78
C ILE D 174 -1.44 13.20 -4.53
N ASP D 175 -0.30 13.85 -4.27
CA ASP D 175 0.51 13.56 -3.08
C ASP D 175 0.48 14.67 -2.01
N GLN D 176 0.15 15.90 -2.40
CA GLN D 176 0.12 17.00 -1.44
C GLN D 176 -1.06 16.81 -0.46
N CYS D 177 -0.80 17.03 0.82
CA CYS D 177 -1.83 17.20 1.88
C CYS D 177 -2.49 15.94 2.34
N ILE D 178 -2.82 15.07 1.40
CA ILE D 178 -3.76 14.03 1.72
C ILE D 178 -3.07 12.74 2.21
N ASP D 179 -1.74 12.73 2.24
CA ASP D 179 -1.02 11.56 2.76
C ASP D 179 -0.44 11.80 4.14
N GLY D 180 -1.01 12.73 4.88
CA GLY D 180 -0.73 12.88 6.29
C GLY D 180 -1.12 11.64 7.07
N ASP E 4 -23.92 24.80 -55.70
CA ASP E 4 -24.58 24.16 -54.52
C ASP E 4 -24.60 25.08 -53.28
N SER E 5 -23.44 25.38 -52.69
CA SER E 5 -23.38 25.44 -51.23
C SER E 5 -22.04 25.90 -50.59
N THR E 6 -22.14 26.23 -49.30
CA THR E 6 -21.00 26.37 -48.41
C THR E 6 -21.25 25.49 -47.19
N SER E 7 -20.17 25.00 -46.58
CA SER E 7 -20.28 24.33 -45.27
C SER E 7 -18.89 24.33 -44.62
N ASP E 8 -18.84 24.04 -43.31
CA ASP E 8 -17.57 23.97 -42.59
C ASP E 8 -17.46 22.71 -41.75
N LEU E 9 -16.36 21.99 -41.91
CA LEU E 9 -16.21 20.71 -41.27
C LEU E 9 -14.89 20.62 -40.52
N ILE E 10 -14.91 19.90 -39.41
CA ILE E 10 -13.66 19.49 -38.78
C ILE E 10 -12.92 18.58 -39.75
N PRO E 11 -11.64 18.87 -40.00
CA PRO E 11 -10.87 18.11 -41.01
C PRO E 11 -10.77 16.64 -40.65
N ALA E 12 -10.86 15.76 -41.64
CA ALA E 12 -10.64 14.34 -41.42
C ALA E 12 -9.23 14.15 -40.90
N PRO E 13 -9.03 13.18 -39.99
CA PRO E 13 -7.69 12.88 -39.54
C PRO E 13 -6.92 12.15 -40.63
N PRO E 14 -5.58 12.21 -40.58
CA PRO E 14 -4.82 11.29 -41.43
C PRO E 14 -5.04 9.83 -41.06
N LEU E 15 -5.06 8.95 -42.06
CA LEU E 15 -5.34 7.55 -41.83
C LEU E 15 -4.31 6.91 -40.90
N SER E 16 -3.13 7.50 -40.82
CA SER E 16 -2.11 7.00 -39.91
C SER E 16 -2.53 7.12 -38.43
N LYS E 17 -3.54 7.93 -38.11
CA LYS E 17 -4.05 8.00 -36.74
C LYS E 17 -5.18 7.02 -36.46
N VAL E 18 -5.52 6.21 -37.45
CA VAL E 18 -6.63 5.28 -37.33
C VAL E 18 -6.11 3.83 -37.37
N PRO E 19 -6.00 3.19 -36.22
CA PRO E 19 -5.50 1.81 -36.17
C PRO E 19 -6.40 0.85 -36.93
N LEU E 20 -5.79 -0.23 -37.41
CA LEU E 20 -6.53 -1.33 -38.01
C LEU E 20 -6.46 -2.54 -37.10
N GLN E 21 -7.60 -3.14 -36.81
CA GLN E 21 -7.63 -4.36 -36.00
C GLN E 21 -6.69 -5.40 -36.58
N GLN E 22 -5.82 -5.95 -35.73
CA GLN E 22 -4.91 -7.02 -36.13
C GLN E 22 -5.65 -8.28 -36.51
N ASN E 23 -5.25 -8.86 -37.63
CA ASN E 23 -5.64 -10.22 -37.99
C ASN E 23 -7.16 -10.32 -37.98
N PHE E 24 -7.80 -9.38 -38.67
CA PHE E 24 -9.26 -9.28 -38.63
C PHE E 24 -9.90 -10.62 -39.02
N GLN E 25 -10.90 -11.04 -38.26
CA GLN E 25 -11.53 -12.35 -38.42
C GLN E 25 -12.98 -12.14 -38.91
N ASP E 26 -13.20 -12.28 -40.22
CA ASP E 26 -14.43 -11.81 -40.82
C ASP E 26 -15.65 -12.62 -40.36
N ASN E 27 -15.47 -13.91 -40.13
CA ASN E 27 -16.55 -14.75 -39.67
CA ASN E 27 -16.56 -14.77 -39.65
C ASN E 27 -17.00 -14.40 -38.25
N GLN E 28 -16.04 -14.09 -37.38
CA GLN E 28 -16.35 -13.71 -36.01
C GLN E 28 -17.05 -12.33 -35.96
N PHE E 29 -16.84 -11.47 -36.95
CA PHE E 29 -17.40 -10.11 -36.94
C PHE E 29 -18.84 -10.06 -37.41
N GLN E 30 -19.30 -11.13 -38.02
CA GLN E 30 -20.64 -11.09 -38.61
C GLN E 30 -21.77 -11.16 -37.55
N GLY E 31 -23.01 -10.90 -37.98
CA GLY E 31 -24.18 -10.86 -37.11
C GLY E 31 -24.61 -9.43 -36.78
N LYS E 32 -25.45 -9.30 -35.76
CA LYS E 32 -26.05 -8.04 -35.42
C LYS E 32 -25.16 -7.27 -34.45
N TRP E 33 -25.01 -5.98 -34.74
CA TRP E 33 -24.37 -5.05 -33.81
C TRP E 33 -25.31 -3.88 -33.57
N TYR E 34 -25.37 -3.41 -32.33
CA TYR E 34 -26.12 -2.20 -32.01
C TYR E 34 -25.19 -1.02 -31.98
N VAL E 35 -25.68 0.12 -32.44
CA VAL E 35 -24.87 1.33 -32.45
C VAL E 35 -25.04 2.04 -31.10
N VAL E 36 -24.04 1.86 -30.25
CA VAL E 36 -24.06 2.30 -28.87
C VAL E 36 -23.41 3.68 -28.75
N GLY E 37 -22.55 4.00 -29.71
CA GLY E 37 -21.94 5.32 -29.77
C GLY E 37 -21.64 5.76 -31.20
N LEU E 38 -21.69 7.07 -31.45
CA LEU E 38 -21.38 7.68 -32.75
C LEU E 38 -20.61 8.97 -32.53
N ALA E 39 -19.56 9.16 -33.31
CA ALA E 39 -18.81 10.40 -33.27
C ALA E 39 -18.42 10.78 -34.69
N GLY E 40 -18.43 12.06 -35.00
CA GLY E 40 -17.96 12.46 -36.32
C GLY E 40 -18.11 13.94 -36.63
N ASN E 41 -17.58 14.34 -37.78
CA ASN E 41 -17.63 15.74 -38.13
C ASN E 41 -18.99 16.17 -38.69
N ALA E 42 -19.88 15.23 -38.92
CA ALA E 42 -21.27 15.56 -39.18
C ALA E 42 -22.20 15.00 -38.08
N ILE E 43 -21.65 14.57 -36.95
CA ILE E 43 -22.45 14.19 -35.78
C ILE E 43 -22.56 15.36 -34.83
N LEU E 44 -23.78 15.66 -34.41
CA LEU E 44 -24.02 16.78 -33.52
C LEU E 44 -25.06 16.38 -32.46
N ARG E 45 -24.67 16.49 -31.19
CA ARG E 45 -25.59 16.24 -30.08
C ARG E 45 -26.73 17.25 -30.11
N GLU E 46 -27.96 16.78 -30.23
CA GLU E 46 -29.14 17.64 -30.12
C GLU E 46 -29.99 17.25 -28.91
N ASP E 47 -29.86 18.01 -27.82
CA ASP E 47 -30.63 17.79 -26.59
C ASP E 47 -32.13 17.68 -26.90
N LYS E 48 -32.61 18.54 -27.77
CA LYS E 48 -34.03 18.57 -28.13
C LYS E 48 -34.52 17.20 -28.59
N ASP E 49 -33.83 16.61 -29.56
CA ASP E 49 -34.35 15.45 -30.30
C ASP E 49 -33.32 14.33 -30.39
N PRO E 50 -33.19 13.56 -29.30
CA PRO E 50 -32.01 12.72 -29.11
C PRO E 50 -31.93 11.65 -30.19
N GLN E 51 -30.72 11.26 -30.56
CA GLN E 51 -30.50 10.19 -31.52
C GLN E 51 -30.97 8.86 -30.91
N LYS E 52 -31.79 8.13 -31.65
CA LYS E 52 -32.22 6.79 -31.26
C LYS E 52 -31.21 5.75 -31.72
N MET E 53 -31.05 4.71 -30.92
CA MET E 53 -30.24 3.56 -31.31
C MET E 53 -30.80 2.89 -32.57
N TYR E 54 -29.88 2.42 -33.41
CA TYR E 54 -30.22 1.54 -34.50
C TYR E 54 -29.28 0.36 -34.51
N ALA E 55 -29.59 -0.63 -35.35
CA ALA E 55 -28.79 -1.84 -35.43
C ALA E 55 -28.28 -2.04 -36.85
N THR E 56 -27.11 -2.68 -36.95
CA THR E 56 -26.56 -3.01 -38.26
C THR E 56 -26.13 -4.48 -38.28
N ILE E 57 -26.62 -5.21 -39.29
CA ILE E 57 -26.37 -6.64 -39.41
C ILE E 57 -25.38 -6.93 -40.54
N TYR E 58 -24.30 -7.61 -40.21
CA TYR E 58 -23.28 -8.00 -41.16
C TYR E 58 -23.41 -9.48 -41.49
N GLU E 59 -23.64 -9.79 -42.75
CA GLU E 59 -23.75 -11.19 -43.18
C GLU E 59 -22.65 -11.48 -44.17
N LEU E 60 -21.77 -12.42 -43.80
CA LEU E 60 -20.60 -12.73 -44.61
C LEU E 60 -21.01 -13.64 -45.75
N LYS E 61 -20.75 -13.21 -46.98
CA LYS E 61 -21.14 -13.98 -48.15
C LYS E 61 -20.04 -14.93 -48.58
N GLU E 62 -20.39 -15.84 -49.48
CA GLU E 62 -19.46 -16.78 -50.07
C GLU E 62 -18.19 -16.10 -50.57
N ASP E 63 -18.36 -15.03 -51.33
CA ASP E 63 -17.21 -14.29 -51.87
C ASP E 63 -16.48 -13.41 -50.84
N LYS E 64 -16.90 -13.47 -49.58
CA LYS E 64 -16.20 -12.77 -48.48
C LYS E 64 -16.49 -11.27 -48.38
N SER E 65 -17.34 -10.76 -49.25
CA SER E 65 -17.99 -9.50 -49.00
C SER E 65 -19.06 -9.65 -47.90
N TYR E 66 -19.48 -8.53 -47.31
CA TYR E 66 -20.63 -8.50 -46.42
C TYR E 66 -21.86 -7.90 -47.08
N ASN E 67 -23.00 -8.54 -46.88
CA ASN E 67 -24.28 -7.87 -46.99
CA ASN E 67 -24.29 -7.86 -46.99
C ASN E 67 -24.61 -7.17 -45.66
N VAL E 68 -24.80 -5.86 -45.71
CA VAL E 68 -24.89 -5.03 -44.51
C VAL E 68 -26.25 -4.33 -44.49
N THR E 69 -27.01 -4.58 -43.43
CA THR E 69 -28.35 -4.03 -43.31
C THR E 69 -28.46 -3.23 -42.03
N SER E 70 -28.80 -1.94 -42.14
CA SER E 70 -29.06 -1.14 -40.96
C SER E 70 -30.57 -0.97 -40.80
N VAL E 71 -31.04 -1.14 -39.58
CA VAL E 71 -32.47 -1.05 -39.29
C VAL E 71 -32.69 0.08 -38.28
N LEU E 72 -33.49 1.06 -38.69
CA LEU E 72 -33.74 2.28 -37.93
C LEU E 72 -35.24 2.44 -37.73
N PHE E 73 -35.62 3.07 -36.61
CA PHE E 73 -37.02 3.43 -36.36
C PHE E 73 -37.20 4.90 -36.71
N ARG E 74 -37.96 5.17 -37.77
CA ARG E 74 -38.08 6.51 -38.34
C ARG E 74 -39.53 6.77 -38.70
N LYS E 75 -40.09 7.86 -38.19
CA LYS E 75 -41.45 8.26 -38.51
C LYS E 75 -42.40 7.09 -38.27
N LYS E 76 -42.22 6.40 -37.15
CA LYS E 76 -43.10 5.32 -36.70
C LYS E 76 -43.00 4.04 -37.53
N LYS E 77 -41.98 3.96 -38.37
CA LYS E 77 -41.80 2.81 -39.24
C LYS E 77 -40.39 2.28 -39.14
N CYS E 78 -40.21 1.03 -39.54
CA CYS E 78 -38.88 0.46 -39.66
C CYS E 78 -38.29 0.86 -41.00
N ASP E 79 -37.11 1.44 -40.95
CA ASP E 79 -36.43 1.93 -42.14
C ASP E 79 -35.14 1.10 -42.32
N TYR E 80 -34.91 0.63 -43.53
CA TYR E 80 -33.83 -0.32 -43.79
C TYR E 80 -32.87 0.28 -44.81
N TRP E 81 -31.59 0.26 -44.51
CA TRP E 81 -30.59 0.52 -45.53
C TRP E 81 -29.69 -0.70 -45.77
N ILE E 82 -29.76 -1.23 -46.99
CA ILE E 82 -29.02 -2.43 -47.37
C ILE E 82 -27.94 -2.03 -48.36
N ARG E 83 -26.70 -2.41 -48.06
CA ARG E 83 -25.61 -2.19 -48.99
C ARG E 83 -24.60 -3.32 -48.86
N THR E 84 -23.58 -3.29 -49.71
CA THR E 84 -22.54 -4.30 -49.72
C THR E 84 -21.19 -3.68 -49.31
N PHE E 85 -20.48 -4.33 -48.37
CA PHE E 85 -19.08 -4.01 -48.10
C PHE E 85 -18.13 -5.00 -48.78
N VAL E 86 -17.30 -4.49 -49.67
CA VAL E 86 -16.36 -5.31 -50.43
C VAL E 86 -14.98 -5.19 -49.77
N PRO E 87 -14.29 -6.33 -49.58
CA PRO E 87 -12.98 -6.28 -48.93
C PRO E 87 -12.02 -5.35 -49.65
N GLY E 88 -11.28 -4.55 -48.90
CA GLY E 88 -10.33 -3.61 -49.48
C GLY E 88 -8.91 -4.12 -49.44
N SER E 89 -7.95 -3.22 -49.22
CA SER E 89 -6.53 -3.53 -49.42
C SER E 89 -5.92 -4.38 -48.30
N GLN E 90 -6.54 -4.36 -47.13
CA GLN E 90 -6.09 -5.09 -45.96
C GLN E 90 -7.31 -5.69 -45.27
N PRO E 91 -7.14 -6.85 -44.60
CA PRO E 91 -8.25 -7.42 -43.84
C PRO E 91 -8.80 -6.45 -42.79
N GLY E 92 -10.10 -6.28 -42.77
CA GLY E 92 -10.72 -5.35 -41.85
C GLY E 92 -10.96 -4.00 -42.50
N GLU E 93 -10.54 -3.84 -43.75
CA GLU E 93 -10.90 -2.67 -44.55
C GLU E 93 -11.87 -3.05 -45.65
N PHE E 94 -12.77 -2.12 -45.96
CA PHE E 94 -13.81 -2.34 -46.95
C PHE E 94 -14.12 -1.07 -47.70
N THR E 95 -14.69 -1.25 -48.88
CA THR E 95 -15.42 -0.16 -49.45
C THR E 95 -16.81 -0.59 -49.81
N LEU E 96 -17.51 0.37 -50.38
CA LEU E 96 -18.86 0.17 -50.81
C LEU E 96 -18.93 -0.56 -52.16
N GLY E 97 -19.65 -1.68 -52.20
CA GLY E 97 -19.93 -2.35 -53.46
C GLY E 97 -20.75 -1.47 -54.35
N ASN E 98 -20.48 -1.56 -55.65
CA ASN E 98 -21.14 -0.70 -56.64
C ASN E 98 -21.05 0.78 -56.28
N ILE E 99 -19.84 1.20 -55.87
CA ILE E 99 -19.65 2.55 -55.36
C ILE E 99 -20.09 3.58 -56.40
N LYS E 100 -19.94 3.26 -57.68
CA LYS E 100 -20.24 4.21 -58.73
C LYS E 100 -21.73 4.52 -58.85
N SER E 101 -22.58 3.66 -58.31
CA SER E 101 -24.01 3.81 -58.44
C SER E 101 -24.59 4.83 -57.46
N TYR E 102 -23.77 5.34 -56.55
CA TYR E 102 -24.27 6.33 -55.57
C TYR E 102 -23.88 7.73 -56.04
N PRO E 103 -24.85 8.53 -56.46
CA PRO E 103 -24.47 9.80 -57.11
C PRO E 103 -23.78 10.76 -56.16
N GLY E 104 -22.78 11.48 -56.63
CA GLY E 104 -22.06 12.46 -55.82
C GLY E 104 -20.98 11.85 -54.93
N LEU E 105 -21.03 10.54 -54.75
CA LEU E 105 -20.07 9.87 -53.88
C LEU E 105 -18.79 9.55 -54.64
N THR E 106 -17.65 10.00 -54.14
CA THR E 106 -16.40 9.86 -54.86
C THR E 106 -15.53 8.78 -54.18
N SER E 107 -15.53 8.74 -52.86
CA SER E 107 -14.80 7.71 -52.15
C SER E 107 -15.41 7.34 -50.81
N TYR E 108 -15.15 6.13 -50.36
CA TYR E 108 -15.81 5.57 -49.20
C TYR E 108 -14.90 4.51 -48.64
N LEU E 109 -14.53 4.65 -47.39
CA LEU E 109 -13.64 3.71 -46.76
C LEU E 109 -14.18 3.32 -45.40
N VAL E 110 -14.11 2.01 -45.11
CA VAL E 110 -14.43 1.45 -43.81
C VAL E 110 -13.17 0.79 -43.25
N ARG E 111 -12.85 1.07 -41.99
CA ARG E 111 -11.72 0.44 -41.32
C ARG E 111 -12.13 0.03 -39.91
N VAL E 112 -12.08 -1.27 -39.65
CA VAL E 112 -12.35 -1.78 -38.32
C VAL E 112 -11.15 -1.50 -37.43
N VAL E 113 -11.36 -0.68 -36.42
CA VAL E 113 -10.27 -0.16 -35.61
C VAL E 113 -9.90 -1.16 -34.53
N SER E 114 -10.92 -1.64 -33.82
CA SER E 114 -10.71 -2.60 -32.73
C SER E 114 -12.00 -3.31 -32.42
N THR E 115 -11.89 -4.58 -32.07
CA THR E 115 -13.04 -5.39 -31.70
C THR E 115 -12.57 -6.62 -30.94
N ASN E 116 -13.41 -7.12 -30.04
CA ASN E 116 -13.21 -8.45 -29.51
C ASN E 116 -14.27 -9.41 -30.01
N TYR E 117 -15.04 -8.99 -31.01
CA TYR E 117 -15.99 -9.83 -31.73
C TYR E 117 -17.25 -10.22 -30.98
N ASN E 118 -17.13 -10.50 -29.70
CA ASN E 118 -18.30 -10.99 -28.95
C ASN E 118 -18.93 -9.97 -28.03
N GLN E 119 -18.37 -8.76 -27.98
CA GLN E 119 -18.92 -7.73 -27.11
C GLN E 119 -18.95 -6.35 -27.80
N HIS E 120 -17.80 -5.91 -28.30
CA HIS E 120 -17.67 -4.53 -28.79
C HIS E 120 -16.87 -4.42 -30.07
N ALA E 121 -17.09 -3.31 -30.80
CA ALA E 121 -16.24 -2.93 -31.92
C ALA E 121 -16.25 -1.44 -32.13
N MET E 122 -15.13 -0.90 -32.63
CA MET E 122 -15.09 0.47 -33.11
C MET E 122 -14.69 0.45 -34.57
N VAL E 123 -15.46 1.15 -35.39
CA VAL E 123 -15.25 1.13 -36.81
C VAL E 123 -15.20 2.58 -37.32
N PHE E 124 -14.22 2.84 -38.16
CA PHE E 124 -14.00 4.16 -38.76
C PHE E 124 -14.54 4.17 -40.18
N PHE E 125 -15.21 5.26 -40.53
CA PHE E 125 -15.74 5.47 -41.86
C PHE E 125 -15.31 6.84 -42.37
N LYS E 126 -14.90 6.89 -43.63
CA LYS E 126 -14.57 8.15 -44.26
C LYS E 126 -15.15 8.17 -45.66
N LYS E 127 -15.74 9.28 -46.04
CA LYS E 127 -16.33 9.39 -47.35
C LYS E 127 -16.17 10.77 -47.90
N VAL E 128 -15.96 10.85 -49.20
CA VAL E 128 -15.84 12.12 -49.88
C VAL E 128 -17.02 12.24 -50.82
N SER E 129 -17.76 13.31 -50.63
CA SER E 129 -18.98 13.51 -51.37
C SER E 129 -18.99 15.00 -51.74
N GLN E 130 -19.03 15.32 -53.04
CA GLN E 130 -18.90 16.70 -53.51
C GLN E 130 -17.60 17.38 -53.04
N ASN E 131 -16.54 16.60 -52.98
CA ASN E 131 -15.25 17.06 -52.48
C ASN E 131 -15.21 17.34 -50.97
N ARG E 132 -16.31 17.12 -50.28
CA ARG E 132 -16.34 17.29 -48.83
C ARG E 132 -16.01 15.97 -48.16
N GLU E 133 -15.15 16.04 -47.18
CA GLU E 133 -14.67 14.87 -46.55
C GLU E 133 -15.35 14.66 -45.18
N TYR E 134 -16.17 13.63 -45.09
CA TYR E 134 -16.89 13.29 -43.85
C TYR E 134 -16.21 12.10 -43.20
N PHE E 135 -16.15 12.10 -41.88
CA PHE E 135 -15.70 10.94 -41.17
C PHE E 135 -16.50 10.71 -39.90
N LYS E 136 -16.62 9.45 -39.52
CA LYS E 136 -17.24 9.07 -38.28
C LYS E 136 -16.61 7.85 -37.68
N ILE E 137 -16.79 7.70 -36.38
CA ILE E 137 -16.45 6.48 -35.67
C ILE E 137 -17.72 5.95 -35.02
N THR E 138 -17.97 4.66 -35.23
CA THR E 138 -19.12 4.00 -34.69
C THR E 138 -18.67 3.02 -33.63
N LEU E 139 -19.30 3.09 -32.46
CA LEU E 139 -19.08 2.13 -31.40
C LEU E 139 -20.24 1.15 -31.39
N TYR E 140 -19.91 -0.09 -31.72
CA TYR E 140 -20.88 -1.18 -31.81
C TYR E 140 -20.83 -2.04 -30.53
N GLY E 141 -22.00 -2.49 -30.10
CA GLY E 141 -22.13 -3.49 -29.02
C GLY E 141 -22.94 -4.68 -29.50
N ARG E 142 -22.63 -5.86 -28.99
CA ARG E 142 -23.49 -7.02 -29.27
C ARG E 142 -24.82 -6.92 -28.53
N THR E 143 -24.84 -6.12 -27.46
CA THR E 143 -26.07 -5.75 -26.76
C THR E 143 -26.21 -4.23 -26.80
N LYS E 144 -27.28 -3.71 -26.21
CA LYS E 144 -27.57 -2.30 -26.31
C LYS E 144 -26.77 -1.46 -25.31
N GLU E 145 -25.98 -2.12 -24.47
CA GLU E 145 -25.20 -1.44 -23.45
C GLU E 145 -23.74 -1.84 -23.54
N LEU E 146 -22.85 -0.96 -23.07
CA LEU E 146 -21.46 -1.32 -22.88
C LEU E 146 -20.92 -0.70 -21.61
N THR E 147 -19.76 -1.17 -21.16
CA THR E 147 -19.15 -0.67 -19.95
C THR E 147 -18.68 0.77 -20.11
N SER E 148 -18.63 1.49 -19.00
CA SER E 148 -18.00 2.80 -18.95
C SER E 148 -16.63 2.80 -19.55
N GLU E 149 -15.85 1.76 -19.26
CA GLU E 149 -14.47 1.72 -19.71
C GLU E 149 -14.42 1.74 -21.26
N LEU E 150 -15.28 0.94 -21.88
CA LEU E 150 -15.31 0.84 -23.33
C LEU E 150 -15.83 2.12 -23.97
N LYS E 151 -16.81 2.74 -23.34
CA LYS E 151 -17.32 4.02 -23.81
C LYS E 151 -16.28 5.13 -23.64
N GLU E 152 -15.54 5.12 -22.53
CA GLU E 152 -14.47 6.08 -22.35
C GLU E 152 -13.36 5.88 -23.38
N ASN E 153 -13.02 4.62 -23.70
CA ASN E 153 -12.02 4.35 -24.75
C ASN E 153 -12.47 4.99 -26.06
N PHE E 154 -13.76 4.87 -26.37
CA PHE E 154 -14.34 5.47 -27.56
C PHE E 154 -14.27 7.01 -27.59
N ILE E 155 -14.61 7.66 -26.48
CA ILE E 155 -14.52 9.11 -26.35
C ILE E 155 -13.08 9.57 -26.52
N ARG E 156 -12.14 8.87 -25.87
CA ARG E 156 -10.73 9.23 -25.93
C ARG E 156 -10.26 9.12 -27.38
N PHE E 157 -10.61 8.02 -28.05
CA PHE E 157 -10.21 7.83 -29.42
C PHE E 157 -10.80 8.92 -30.34
N SER E 158 -12.07 9.22 -30.15
CA SER E 158 -12.74 10.26 -30.92
C SER E 158 -12.09 11.64 -30.74
N LYS E 159 -11.77 11.99 -29.50
CA LYS E 159 -11.03 13.22 -29.23
C LYS E 159 -9.65 13.25 -29.86
N SER E 160 -8.96 12.12 -29.92
CA SER E 160 -7.67 12.06 -30.56
C SER E 160 -7.74 12.33 -32.07
N LEU E 161 -8.94 12.19 -32.64
CA LEU E 161 -9.12 12.46 -34.09
C LEU E 161 -9.66 13.88 -34.29
N GLY E 162 -9.70 14.67 -33.21
CA GLY E 162 -10.00 16.09 -33.29
C GLY E 162 -11.46 16.43 -33.00
N LEU E 163 -12.23 15.47 -32.51
CA LEU E 163 -13.64 15.70 -32.27
C LEU E 163 -13.86 16.19 -30.84
N PRO E 164 -14.57 17.34 -30.67
CA PRO E 164 -15.02 17.71 -29.33
C PRO E 164 -16.24 16.93 -28.86
N GLU E 165 -16.60 17.12 -27.59
CA GLU E 165 -17.53 16.23 -26.91
C GLU E 165 -18.92 16.37 -27.50
N ASN E 166 -19.24 17.55 -28.01
CA ASN E 166 -20.56 17.74 -28.63
C ASN E 166 -20.71 17.14 -30.05
N HIS E 167 -19.65 16.52 -30.55
CA HIS E 167 -19.75 15.71 -31.77
C HIS E 167 -19.69 14.22 -31.46
N ILE E 168 -19.98 13.86 -30.22
CA ILE E 168 -19.99 12.47 -29.79
C ILE E 168 -21.30 12.19 -29.09
N VAL E 169 -22.01 11.18 -29.57
CA VAL E 169 -23.37 10.94 -29.16
C VAL E 169 -23.51 9.49 -28.76
N PHE E 170 -24.32 9.23 -27.74
CA PHE E 170 -24.64 7.85 -27.34
C PHE E 170 -26.13 7.62 -27.57
N PRO E 171 -26.47 6.96 -28.69
CA PRO E 171 -27.89 6.81 -29.00
C PRO E 171 -28.67 6.08 -27.90
N VAL E 172 -29.90 6.50 -27.72
CA VAL E 172 -30.76 5.97 -26.66
C VAL E 172 -31.33 4.62 -27.09
N PRO E 173 -31.15 3.57 -26.25
CA PRO E 173 -31.74 2.28 -26.56
C PRO E 173 -33.24 2.38 -26.81
N ILE E 174 -33.73 1.64 -27.79
CA ILE E 174 -35.15 1.54 -28.05
C ILE E 174 -35.45 0.09 -28.32
N ASP E 175 -36.74 -0.24 -28.37
CA ASP E 175 -37.20 -1.61 -28.61
C ASP E 175 -37.84 -1.81 -29.98
N GLN E 176 -38.28 -0.73 -30.61
CA GLN E 176 -38.99 -0.85 -31.88
C GLN E 176 -37.99 -1.17 -33.00
N CYS E 177 -38.38 -2.13 -33.84
CA CYS E 177 -37.68 -2.46 -35.09
C CYS E 177 -36.35 -3.18 -34.91
N ILE E 178 -35.50 -2.72 -33.98
CA ILE E 178 -34.09 -3.10 -34.03
C ILE E 178 -33.80 -4.45 -33.38
N ASP E 179 -34.83 -5.13 -32.90
CA ASP E 179 -34.63 -6.39 -32.17
C ASP E 179 -35.15 -7.61 -32.92
N SER F 5 -41.17 -42.29 25.83
CA SER F 5 -40.64 -42.07 24.45
C SER F 5 -39.88 -43.28 23.93
N THR F 6 -40.08 -43.59 22.65
CA THR F 6 -39.07 -44.27 21.84
C THR F 6 -38.76 -43.38 20.64
N SER F 7 -37.53 -43.45 20.14
CA SER F 7 -37.18 -42.87 18.85
C SER F 7 -35.92 -43.55 18.31
N ASP F 8 -35.64 -43.38 17.01
CA ASP F 8 -34.46 -43.98 16.39
C ASP F 8 -33.69 -42.96 15.56
N LEU F 9 -32.39 -42.87 15.80
CA LEU F 9 -31.63 -41.81 15.20
C LEU F 9 -30.40 -42.36 14.51
N ILE F 10 -30.06 -41.76 13.38
CA ILE F 10 -28.74 -41.96 12.81
C ILE F 10 -27.69 -41.48 13.80
N PRO F 11 -26.72 -42.33 14.12
CA PRO F 11 -25.72 -41.99 15.16
C PRO F 11 -24.95 -40.74 14.80
N ALA F 12 -24.60 -39.92 15.79
CA ALA F 12 -23.73 -38.77 15.57
C ALA F 12 -22.38 -39.25 15.10
N PRO F 13 -21.72 -38.49 14.22
CA PRO F 13 -20.38 -38.88 13.80
C PRO F 13 -19.39 -38.57 14.92
N PRO F 14 -18.26 -39.29 14.97
CA PRO F 14 -17.17 -38.80 15.82
C PRO F 14 -16.67 -37.39 15.41
N LEU F 15 -16.27 -36.59 16.37
CA LEU F 15 -15.86 -35.22 16.13
C LEU F 15 -14.64 -35.14 15.22
N SER F 16 -13.88 -36.23 15.17
CA SER F 16 -12.72 -36.28 14.31
C SER F 16 -13.11 -36.23 12.83
N LYS F 17 -14.38 -36.47 12.50
CA LYS F 17 -14.83 -36.35 11.11
C LYS F 17 -15.36 -34.96 10.78
N VAL F 18 -15.31 -34.07 11.74
CA VAL F 18 -15.85 -32.72 11.56
C VAL F 18 -14.72 -31.70 11.61
N PRO F 19 -14.31 -31.19 10.45
CA PRO F 19 -13.26 -30.20 10.42
C PRO F 19 -13.62 -28.92 11.17
N LEU F 20 -12.59 -28.25 11.67
CA LEU F 20 -12.72 -26.93 12.24
C LEU F 20 -12.09 -25.95 11.29
N GLN F 21 -12.79 -24.87 10.96
CA GLN F 21 -12.21 -23.80 10.17
C GLN F 21 -10.89 -23.30 10.76
N GLN F 22 -9.85 -23.26 9.91
CA GLN F 22 -8.55 -22.76 10.34
C GLN F 22 -8.62 -21.29 10.72
N ASN F 23 -7.99 -20.96 11.84
CA ASN F 23 -7.72 -19.56 12.20
C ASN F 23 -9.00 -18.74 12.13
N PHE F 24 -10.03 -19.24 12.82
CA PHE F 24 -11.35 -18.62 12.74
C PHE F 24 -11.30 -17.14 13.12
N GLN F 25 -11.96 -16.31 12.32
CA GLN F 25 -11.93 -14.86 12.47
C GLN F 25 -13.31 -14.36 12.94
N ASP F 26 -13.45 -14.09 14.24
CA ASP F 26 -14.79 -13.91 14.81
C ASP F 26 -15.47 -12.64 14.32
N ASN F 27 -14.70 -11.59 14.07
CA ASN F 27 -15.27 -10.33 13.60
C ASN F 27 -15.80 -10.46 12.16
N GLN F 28 -15.07 -11.18 11.32
CA GLN F 28 -15.46 -11.38 9.94
C GLN F 28 -16.72 -12.27 9.84
N PHE F 29 -16.97 -13.13 10.83
CA PHE F 29 -18.12 -14.06 10.82
C PHE F 29 -19.42 -13.40 11.24
N GLN F 30 -19.33 -12.23 11.85
CA GLN F 30 -20.53 -11.65 12.42
C GLN F 30 -21.47 -11.08 11.35
N GLY F 31 -22.69 -10.75 11.75
CA GLY F 31 -23.72 -10.23 10.83
C GLY F 31 -24.78 -11.27 10.52
N LYS F 32 -25.55 -11.02 9.46
CA LYS F 32 -26.68 -11.88 9.10
C LYS F 32 -26.24 -12.98 8.16
N TRP F 33 -26.69 -14.20 8.46
CA TRP F 33 -26.56 -15.33 7.54
C TRP F 33 -27.94 -15.94 7.29
N TYR F 34 -28.20 -16.34 6.05
CA TYR F 34 -29.44 -17.03 5.72
C TYR F 34 -29.18 -18.52 5.73
N VAL F 35 -30.14 -19.28 6.19
CA VAL F 35 -30.01 -20.74 6.20
C VAL F 35 -30.46 -21.32 4.87
N VAL F 36 -29.48 -21.65 4.03
CA VAL F 36 -29.70 -22.04 2.66
C VAL F 36 -29.77 -23.57 2.55
N GLY F 37 -29.17 -24.25 3.51
CA GLY F 37 -29.28 -25.70 3.59
C GLY F 37 -29.21 -26.23 5.02
N LEU F 38 -29.89 -27.34 5.25
CA LEU F 38 -29.91 -27.98 6.58
C LEU F 38 -29.83 -29.48 6.38
N ALA F 39 -29.01 -30.13 7.19
CA ALA F 39 -28.92 -31.58 7.16
C ALA F 39 -28.77 -32.10 8.58
N GLY F 40 -29.43 -33.20 8.91
CA GLY F 40 -29.23 -33.77 10.25
C GLY F 40 -30.05 -34.99 10.53
N ASN F 41 -29.79 -35.60 11.69
CA ASN F 41 -30.49 -36.80 12.04
C ASN F 41 -31.91 -36.52 12.54
N ALA F 42 -32.26 -35.27 12.73
CA ALA F 42 -33.67 -34.91 12.94
C ALA F 42 -34.20 -34.02 11.81
N ILE F 43 -33.48 -33.90 10.70
CA ILE F 43 -34.00 -33.21 9.53
C ILE F 43 -34.61 -34.23 8.58
N LEU F 44 -35.83 -33.97 8.13
CA LEU F 44 -36.52 -34.86 7.21
C LEU F 44 -37.18 -34.05 6.09
N ARG F 45 -36.80 -34.35 4.85
CA ARG F 45 -37.39 -33.70 3.68
C ARG F 45 -38.87 -34.07 3.61
N GLU F 46 -39.75 -33.06 3.69
CA GLU F 46 -41.19 -33.28 3.51
C GLU F 46 -41.74 -32.46 2.35
N ASP F 47 -41.94 -33.11 1.21
CA ASP F 47 -42.57 -32.49 0.04
C ASP F 47 -43.88 -31.80 0.41
N LYS F 48 -44.67 -32.43 1.28
CA LYS F 48 -45.96 -31.88 1.71
C LYS F 48 -45.83 -30.45 2.27
N ASP F 49 -44.93 -30.26 3.22
CA ASP F 49 -44.90 -29.04 4.03
C ASP F 49 -43.50 -28.43 4.11
N PRO F 50 -43.09 -27.69 3.06
CA PRO F 50 -41.69 -27.42 2.84
C PRO F 50 -41.13 -26.49 3.92
N GLN F 51 -39.87 -26.69 4.25
CA GLN F 51 -39.21 -25.85 5.22
C GLN F 51 -38.99 -24.47 4.61
N LYS F 52 -39.37 -23.43 5.34
CA LYS F 52 -39.11 -22.05 4.92
C LYS F 52 -37.73 -21.60 5.38
N MET F 53 -37.07 -20.77 4.59
CA MET F 53 -35.82 -20.15 4.98
C MET F 53 -35.99 -19.28 6.23
N TYR F 54 -34.97 -19.30 7.08
CA TYR F 54 -34.88 -18.34 8.16
C TYR F 54 -33.48 -17.75 8.16
N ALA F 55 -33.28 -16.74 8.99
CA ALA F 55 -32.02 -16.04 9.08
C ALA F 55 -31.52 -16.07 10.51
N THR F 56 -30.21 -16.02 10.64
CA THR F 56 -29.58 -15.99 11.95
C THR F 56 -28.50 -14.90 11.99
N ILE F 57 -28.58 -14.04 13.00
CA ILE F 57 -27.70 -12.89 13.11
C ILE F 57 -26.74 -13.09 14.27
N TYR F 58 -25.46 -12.97 13.95
CA TYR F 58 -24.39 -13.12 14.93
C TYR F 58 -23.83 -11.73 15.27
N GLU F 59 -23.90 -11.34 16.53
CA GLU F 59 -23.35 -10.05 16.95
C GLU F 59 -22.28 -10.25 17.99
N LEU F 60 -21.06 -9.85 17.63
CA LEU F 60 -19.90 -10.14 18.45
C LEU F 60 -19.87 -9.14 19.58
N LYS F 61 -19.87 -9.63 20.81
CA LYS F 61 -19.87 -8.74 21.95
C LYS F 61 -18.45 -8.42 22.40
N GLU F 62 -18.35 -7.43 23.29
CA GLU F 62 -17.08 -7.03 23.87
C GLU F 62 -16.30 -8.22 24.40
N ASP F 63 -16.96 -9.08 25.18
CA ASP F 63 -16.31 -10.26 25.76
C ASP F 63 -16.07 -11.40 24.77
N LYS F 64 -16.40 -11.19 23.49
CA LYS F 64 -16.07 -12.14 22.42
C LYS F 64 -17.01 -13.33 22.33
N SER F 65 -18.04 -13.35 23.16
CA SER F 65 -19.22 -14.16 22.90
C SER F 65 -20.06 -13.55 21.78
N TYR F 66 -20.96 -14.35 21.21
CA TYR F 66 -21.96 -13.85 20.27
C TYR F 66 -23.32 -13.80 20.91
N ASN F 67 -24.03 -12.70 20.67
CA ASN F 67 -25.48 -12.70 20.72
CA ASN F 67 -25.49 -12.69 20.72
C ASN F 67 -26.03 -13.20 19.38
N VAL F 68 -26.83 -14.26 19.43
CA VAL F 68 -27.27 -14.96 18.25
C VAL F 68 -28.79 -14.93 18.19
N THR F 69 -29.32 -14.37 17.12
CA THR F 69 -30.76 -14.22 16.98
C THR F 69 -31.21 -14.88 15.69
N SER F 70 -32.11 -15.84 15.81
CA SER F 70 -32.71 -16.40 14.61
C SER F 70 -34.10 -15.82 14.44
N VAL F 71 -34.45 -15.50 13.20
CA VAL F 71 -35.75 -14.93 12.88
C VAL F 71 -36.46 -15.84 11.90
N LEU F 72 -37.64 -16.31 12.30
CA LEU F 72 -38.42 -17.27 11.52
C LEU F 72 -39.81 -16.71 11.27
N PHE F 73 -40.41 -17.08 10.15
CA PHE F 73 -41.79 -16.73 9.83
C PHE F 73 -42.68 -17.94 10.17
N ARG F 74 -43.53 -17.79 11.17
CA ARG F 74 -44.30 -18.89 11.69
C ARG F 74 -45.69 -18.40 12.01
N LYS F 75 -46.69 -19.12 11.50
CA LYS F 75 -48.07 -18.84 11.83
C LYS F 75 -48.37 -17.35 11.59
N LYS F 76 -47.88 -16.85 10.47
CA LYS F 76 -48.10 -15.46 10.04
C LYS F 76 -47.39 -14.39 10.92
N LYS F 77 -46.47 -14.81 11.77
CA LYS F 77 -45.77 -13.89 12.64
C LYS F 77 -44.27 -14.09 12.55
N CYS F 78 -43.54 -13.07 12.98
CA CYS F 78 -42.11 -13.20 13.12
C CYS F 78 -41.83 -13.83 14.48
N ASP F 79 -41.05 -14.90 14.45
CA ASP F 79 -40.68 -15.65 15.65
C ASP F 79 -39.18 -15.53 15.87
N TYR F 80 -38.79 -15.20 17.09
CA TYR F 80 -37.39 -14.89 17.37
C TYR F 80 -36.85 -15.88 18.39
N TRP F 81 -35.69 -16.44 18.11
CA TRP F 81 -34.94 -17.13 19.15
C TRP F 81 -33.60 -16.46 19.41
N ILE F 82 -33.46 -15.91 20.61
CA ILE F 82 -32.22 -15.23 21.01
C ILE F 82 -31.47 -16.07 22.02
N ARG F 83 -30.20 -16.33 21.76
CA ARG F 83 -29.36 -17.05 22.72
C ARG F 83 -27.93 -16.55 22.60
N THR F 84 -27.08 -17.03 23.49
CA THR F 84 -25.68 -16.61 23.52
C THR F 84 -24.78 -17.78 23.15
N PHE F 85 -23.84 -17.56 22.24
CA PHE F 85 -22.74 -18.50 22.00
C PHE F 85 -21.45 -18.06 22.71
N VAL F 86 -20.95 -18.90 23.59
CA VAL F 86 -19.76 -18.63 24.37
C VAL F 86 -18.58 -19.40 23.76
N PRO F 87 -17.44 -18.72 23.58
CA PRO F 87 -16.29 -19.39 22.97
C PRO F 87 -15.90 -20.64 23.73
N GLY F 88 -15.56 -21.69 23.00
CA GLY F 88 -15.18 -22.95 23.61
C GLY F 88 -13.67 -23.15 23.62
N SER F 89 -13.23 -24.39 23.40
CA SER F 89 -11.84 -24.77 23.61
C SER F 89 -10.91 -24.21 22.52
N GLN F 90 -11.44 -24.07 21.31
CA GLN F 90 -10.66 -23.63 20.16
C GLN F 90 -11.45 -22.55 19.46
N PRO F 91 -10.75 -21.62 18.80
CA PRO F 91 -11.45 -20.64 17.99
C PRO F 91 -12.36 -21.27 16.93
N GLY F 92 -13.60 -20.80 16.87
CA GLY F 92 -14.57 -21.37 15.95
C GLY F 92 -15.44 -22.45 16.59
N GLU F 93 -15.14 -22.77 17.85
CA GLU F 93 -16.04 -23.61 18.64
C GLU F 93 -16.76 -22.80 19.72
N PHE F 94 -18.01 -23.19 20.00
CA PHE F 94 -18.83 -22.50 20.98
C PHE F 94 -19.70 -23.46 21.73
N THR F 95 -20.16 -23.01 22.89
CA THR F 95 -21.35 -23.59 23.45
C THR F 95 -22.38 -22.55 23.81
N LEU F 96 -23.46 -23.06 24.33
CA LEU F 96 -24.58 -22.22 24.72
C LEU F 96 -24.34 -21.54 26.06
N GLY F 97 -24.41 -20.22 26.09
CA GLY F 97 -24.37 -19.50 27.35
C GLY F 97 -25.56 -19.86 28.21
N ASN F 98 -25.34 -19.88 29.52
CA ASN F 98 -26.39 -20.25 30.46
CA ASN F 98 -26.39 -20.24 30.45
C ASN F 98 -27.03 -21.58 30.06
N ILE F 99 -26.18 -22.56 29.73
CA ILE F 99 -26.67 -23.86 29.26
C ILE F 99 -27.59 -24.51 30.30
N LYS F 100 -27.36 -24.23 31.58
CA LYS F 100 -28.09 -24.87 32.65
C LYS F 100 -29.54 -24.39 32.72
N SER F 101 -29.85 -23.28 32.08
CA SER F 101 -31.19 -22.72 32.11
C SER F 101 -32.14 -23.43 31.14
N TYR F 102 -31.62 -24.33 30.32
CA TYR F 102 -32.46 -25.04 29.33
C TYR F 102 -32.79 -26.45 29.81
N PRO F 103 -34.06 -26.71 30.20
CA PRO F 103 -34.40 -28.00 30.79
C PRO F 103 -34.22 -29.20 29.86
N GLY F 104 -33.71 -30.30 30.39
CA GLY F 104 -33.50 -31.52 29.59
C GLY F 104 -32.23 -31.51 28.76
N LEU F 105 -31.68 -30.31 28.51
CA LEU F 105 -30.50 -30.17 27.66
C LEU F 105 -29.25 -30.43 28.48
N THR F 106 -28.41 -31.37 28.06
CA THR F 106 -27.23 -31.66 28.87
C THR F 106 -25.94 -31.26 28.19
N SER F 107 -25.92 -31.25 26.86
CA SER F 107 -24.76 -30.72 26.18
C SER F 107 -25.12 -30.10 24.82
N TYR F 108 -24.28 -29.18 24.41
CA TYR F 108 -24.51 -28.43 23.19
C TYR F 108 -23.16 -27.97 22.69
N LEU F 109 -22.86 -28.29 21.45
CA LEU F 109 -21.61 -27.89 20.84
C LEU F 109 -21.85 -27.29 19.45
N VAL F 110 -21.15 -26.20 19.17
CA VAL F 110 -21.12 -25.57 17.84
C VAL F 110 -19.68 -25.60 17.30
N ARG F 111 -19.50 -26.03 16.07
CA ARG F 111 -18.18 -26.01 15.43
C ARG F 111 -18.33 -25.47 14.02
N VAL F 112 -17.70 -24.33 13.76
CA VAL F 112 -17.65 -23.80 12.41
C VAL F 112 -16.70 -24.63 11.57
N VAL F 113 -17.23 -25.27 10.53
CA VAL F 113 -16.51 -26.24 9.74
C VAL F 113 -15.69 -25.57 8.66
N SER F 114 -16.33 -24.69 7.91
CA SER F 114 -15.66 -23.96 6.82
C SER F 114 -16.46 -22.72 6.46
N THR F 115 -15.75 -21.64 6.16
CA THR F 115 -16.40 -20.41 5.75
C THR F 115 -15.40 -19.56 4.98
N ASN F 116 -15.89 -18.74 4.06
CA ASN F 116 -15.09 -17.65 3.53
C ASN F 116 -15.61 -16.28 3.96
N TYR F 117 -16.47 -16.27 4.97
CA TYR F 117 -16.90 -15.06 5.67
C TYR F 117 -17.84 -14.12 4.90
N ASN F 118 -17.61 -13.94 3.60
CA ASN F 118 -18.42 -12.99 2.84
C ASN F 118 -19.41 -13.64 1.87
N GLN F 119 -19.49 -14.96 1.88
CA GLN F 119 -20.44 -15.64 0.99
C GLN F 119 -21.09 -16.84 1.65
N HIS F 120 -20.30 -17.76 2.18
CA HIS F 120 -20.83 -19.05 2.68
C HIS F 120 -20.19 -19.50 3.99
N ALA F 121 -20.92 -20.32 4.74
CA ALA F 121 -20.37 -21.05 5.88
C ALA F 121 -21.10 -22.36 6.09
N MET F 122 -20.38 -23.36 6.61
CA MET F 122 -21.00 -24.57 7.09
C MET F 122 -20.66 -24.70 8.57
N VAL F 123 -21.69 -24.95 9.38
CA VAL F 123 -21.53 -25.02 10.82
C VAL F 123 -22.21 -26.29 11.35
N PHE F 124 -21.46 -27.01 12.19
CA PHE F 124 -21.88 -28.28 12.80
C PHE F 124 -22.40 -27.99 14.19
N PHE F 125 -23.54 -28.61 14.51
CA PHE F 125 -24.13 -28.50 15.83
C PHE F 125 -24.41 -29.91 16.36
N LYS F 126 -24.13 -30.13 17.64
CA LYS F 126 -24.46 -31.40 18.28
C LYS F 126 -25.02 -31.12 19.64
N LYS F 127 -26.10 -31.80 19.98
CA LYS F 127 -26.69 -31.61 21.27
C LYS F 127 -27.21 -32.90 21.83
N VAL F 128 -27.18 -33.02 23.15
CA VAL F 128 -27.70 -34.17 23.83
C VAL F 128 -28.83 -33.71 24.71
N SER F 129 -30.00 -34.30 24.47
CA SER F 129 -31.20 -33.87 25.15
C SER F 129 -31.96 -35.15 25.50
N GLN F 130 -32.20 -35.37 26.79
CA GLN F 130 -32.78 -36.63 27.27
C GLN F 130 -31.96 -37.86 26.89
N ASN F 131 -30.64 -37.70 26.89
CA ASN F 131 -29.72 -38.76 26.48
C ASN F 131 -29.73 -39.06 24.97
N ARG F 132 -30.54 -38.34 24.21
CA ARG F 132 -30.55 -38.51 22.76
C ARG F 132 -29.60 -37.54 22.11
N GLU F 133 -28.82 -38.04 21.18
CA GLU F 133 -27.82 -37.24 20.55
C GLU F 133 -28.26 -36.76 19.17
N TYR F 134 -28.47 -35.45 19.03
CA TYR F 134 -28.91 -34.84 17.77
C TYR F 134 -27.74 -34.12 17.14
N PHE F 135 -27.63 -34.19 15.83
CA PHE F 135 -26.64 -33.40 15.14
C PHE F 135 -27.18 -32.84 13.85
N LYS F 136 -26.67 -31.68 13.48
CA LYS F 136 -27.01 -31.08 12.21
C LYS F 136 -25.86 -30.32 11.62
N ILE F 137 -25.92 -30.13 10.31
CA ILE F 137 -25.04 -29.21 9.63
C ILE F 137 -25.89 -28.13 8.97
N THR F 138 -25.52 -26.88 9.20
CA THR F 138 -26.23 -25.76 8.60
C THR F 138 -25.35 -25.13 7.53
N LEU F 139 -25.92 -24.94 6.34
CA LEU F 139 -25.25 -24.22 5.27
C LEU F 139 -25.81 -22.80 5.23
N TYR F 140 -24.96 -21.86 5.58
CA TYR F 140 -25.30 -20.44 5.64
C TYR F 140 -24.83 -19.73 4.36
N GLY F 141 -25.61 -18.76 3.91
CA GLY F 141 -25.25 -17.86 2.83
C GLY F 141 -25.43 -16.43 3.25
N ARG F 142 -24.58 -15.54 2.75
CA ARG F 142 -24.78 -14.11 3.02
C ARG F 142 -25.97 -13.57 2.27
N THR F 143 -26.36 -14.26 1.20
CA THR F 143 -27.61 -13.98 0.53
C THR F 143 -28.46 -15.26 0.59
N LYS F 144 -29.65 -15.20 -0.01
CA LYS F 144 -30.60 -16.31 0.05
C LYS F 144 -30.28 -17.44 -0.92
N GLU F 145 -29.28 -17.23 -1.78
CA GLU F 145 -28.89 -18.22 -2.80
C GLU F 145 -27.43 -18.61 -2.66
N LEU F 146 -27.09 -19.82 -3.10
CA LEU F 146 -25.69 -20.19 -3.27
C LEU F 146 -25.54 -21.02 -4.53
N THR F 147 -24.30 -21.21 -4.95
CA THR F 147 -24.00 -21.93 -6.18
C THR F 147 -24.27 -23.42 -6.02
N SER F 148 -24.56 -24.08 -7.14
CA SER F 148 -24.67 -25.51 -7.20
C SER F 148 -23.44 -26.15 -6.58
N GLU F 149 -22.28 -25.61 -6.90
CA GLU F 149 -21.03 -26.22 -6.44
C GLU F 149 -20.95 -26.23 -4.92
N LEU F 150 -21.32 -25.12 -4.30
CA LEU F 150 -21.30 -25.05 -2.83
C LEU F 150 -22.36 -25.95 -2.20
N LYS F 151 -23.54 -26.01 -2.82
CA LYS F 151 -24.58 -26.88 -2.31
C LYS F 151 -24.19 -28.34 -2.46
N GLU F 152 -23.55 -28.69 -3.57
CA GLU F 152 -23.07 -30.06 -3.77
C GLU F 152 -21.98 -30.42 -2.78
N ASN F 153 -21.10 -29.48 -2.45
CA ASN F 153 -20.12 -29.72 -1.41
CA ASN F 153 -20.10 -29.69 -1.41
C ASN F 153 -20.77 -29.99 -0.05
N PHE F 154 -21.85 -29.27 0.24
CA PHE F 154 -22.61 -29.45 1.46
C PHE F 154 -23.28 -30.82 1.53
N ILE F 155 -23.90 -31.26 0.42
CA ILE F 155 -24.46 -32.59 0.32
C ILE F 155 -23.39 -33.67 0.53
N ARG F 156 -22.25 -33.51 -0.13
CA ARG F 156 -21.15 -34.48 -0.02
C ARG F 156 -20.67 -34.58 1.44
N PHE F 157 -20.46 -33.43 2.08
CA PHE F 157 -20.02 -33.41 3.47
C PHE F 157 -21.07 -34.07 4.37
N SER F 158 -22.34 -33.76 4.15
CA SER F 158 -23.42 -34.35 4.94
C SER F 158 -23.46 -35.87 4.82
N LYS F 159 -23.28 -36.37 3.61
CA LYS F 159 -23.21 -37.80 3.37
C LYS F 159 -22.02 -38.45 4.07
N SER F 160 -20.90 -37.76 4.12
CA SER F 160 -19.73 -38.27 4.82
C SER F 160 -19.97 -38.43 6.33
N LEU F 161 -20.97 -37.76 6.86
CA LEU F 161 -21.31 -37.89 8.28
C LEU F 161 -22.47 -38.86 8.47
N GLY F 162 -22.84 -39.56 7.40
CA GLY F 162 -23.76 -40.67 7.50
C GLY F 162 -25.21 -40.27 7.19
N LEU F 163 -25.43 -39.08 6.65
CA LEU F 163 -26.78 -38.64 6.35
C LEU F 163 -27.18 -38.94 4.90
N PRO F 164 -28.26 -39.67 4.70
CA PRO F 164 -28.79 -39.82 3.34
C PRO F 164 -29.50 -38.57 2.83
N GLU F 165 -29.86 -38.59 1.55
CA GLU F 165 -30.30 -37.39 0.86
C GLU F 165 -31.61 -36.90 1.43
N ASN F 166 -32.44 -37.82 1.91
CA ASN F 166 -33.72 -37.42 2.47
C ASN F 166 -33.63 -36.80 3.88
N HIS F 167 -32.41 -36.68 4.41
CA HIS F 167 -32.18 -35.90 5.64
C HIS F 167 -31.46 -34.59 5.35
N ILE F 168 -31.57 -34.12 4.11
CA ILE F 168 -30.95 -32.89 3.69
C ILE F 168 -32.03 -32.05 3.04
N VAL F 169 -32.20 -30.81 3.48
CA VAL F 169 -33.20 -29.95 2.90
C VAL F 169 -32.61 -28.60 2.54
N PHE F 170 -33.18 -27.99 1.51
CA PHE F 170 -32.83 -26.63 1.13
C PHE F 170 -34.04 -25.70 1.31
N PRO F 171 -34.06 -24.95 2.41
CA PRO F 171 -35.26 -24.17 2.72
C PRO F 171 -35.59 -23.18 1.60
N VAL F 172 -36.89 -22.96 1.41
CA VAL F 172 -37.37 -22.10 0.34
C VAL F 172 -37.22 -20.65 0.75
N PRO F 173 -36.57 -19.84 -0.10
CA PRO F 173 -36.45 -18.40 0.20
C PRO F 173 -37.80 -17.75 0.42
N ILE F 174 -37.89 -16.85 1.38
CA ILE F 174 -39.10 -16.07 1.60
C ILE F 174 -38.69 -14.63 1.86
N ASP F 175 -39.66 -13.72 1.86
CA ASP F 175 -39.40 -12.30 2.10
C ASP F 175 -39.88 -11.82 3.46
N GLN F 176 -40.82 -12.53 4.07
CA GLN F 176 -41.41 -12.09 5.34
C GLN F 176 -40.40 -12.28 6.47
N CYS F 177 -40.28 -11.25 7.30
CA CYS F 177 -39.52 -11.28 8.55
C CYS F 177 -38.00 -11.29 8.39
N ILE F 178 -37.47 -12.10 7.50
CA ILE F 178 -36.04 -12.44 7.57
C ILE F 178 -35.14 -11.44 6.87
N ASP F 179 -35.73 -10.40 6.31
CA ASP F 179 -34.96 -9.31 5.75
C ASP F 179 -35.09 -8.11 6.67
AM AM G . 45.13 -6.25 0.67
C1 4OL H . 47.89 -2.98 -1.75
C2 4OL H . 48.14 -3.22 -0.31
C6 4OL H . 49.49 -3.04 1.67
C5 4OL H . 48.54 -3.71 2.41
C4 4OL H . 47.36 -4.17 1.78
C7 4OL H . 49.31 -2.80 0.31
C12 4OL H . 46.26 -2.71 -3.57
C13 4OL H . 46.06 -4.01 -4.35
C14 4OL H . 44.85 -4.76 -3.81
C16 4OL H . 45.48 -6.98 -4.47
C17 4OL H . 43.52 -6.04 -5.49
C18 4OL H . 42.24 -5.96 -4.63
C20 4OL H . 40.42 -7.22 -3.41
C23 4OL H . 47.92 -6.73 -4.13
C24 4OL H . 49.03 -6.62 -3.31
C25 4OL H . 48.89 -6.64 -1.92
C26 4OL H . 47.64 -6.76 -1.34
O55 4OL H . 40.15 -4.65 -2.45
C28 4OL H . 40.46 -5.50 -1.64
C34 4OL H . 40.73 -5.07 -0.23
C39 4OL H . 39.75 -4.54 0.58
C38 4OL H . 40.04 -4.11 1.86
C37 4OL H . 41.32 -4.21 2.37
C36 4OL H . 42.33 -4.75 1.58
O47 4OL H . 43.47 -4.85 2.07
N35 4OL H . 42.02 -5.20 0.29
O46 4OL H . 42.95 -5.71 -0.62
N21 4OL H . 40.65 -6.77 -2.02
C29 4OL H . 41.15 -7.82 -1.13
C30 4OL H . 40.04 -8.30 -0.20
C31 4OL H . 40.44 -9.69 0.32
N32 4OL H . 41.78 -9.67 0.89
C33 4OL H . 42.34 -10.70 1.53
O53 4OL H . 41.79 -11.77 1.68
C40 4OL H . 43.67 -10.49 2.18
N45 4OL H . 44.32 -9.27 1.95
O50 4OL H . 43.66 -8.37 1.07
C44 4OL H . 45.54 -8.98 2.56
O51 4OL H . 46.10 -7.91 2.34
C43 4OL H . 46.14 -9.92 3.40
C42 4OL H . 45.49 -11.12 3.66
C41 4OL H . 44.26 -11.41 3.04
C19 4OL H . 41.79 -7.33 -4.11
N15 4OL H . 44.66 -5.97 -4.59
O54 4OL H . 45.31 -8.00 -5.09
C22 4OL H . 46.66 -6.86 -3.56
N27 4OL H . 46.50 -6.89 -2.17
O48 4OL H . 45.19 -7.02 -1.60
O49 4OL H . 47.54 -6.81 -0.09
N9 4OL H . 46.61 -2.95 -2.17
O8 4OL H . 48.85 -2.82 -2.48
N3 4OL H . 47.16 -3.89 0.42
O9 4OL H . 46.50 -4.77 2.46
O10 4OL H . 45.96 -4.26 -0.26
C1 GOL I . 32.21 19.86 6.78
O1 GOL I . 32.80 20.66 7.79
C2 GOL I . 31.24 20.73 6.03
O2 GOL I . 31.47 22.07 6.46
C3 GOL I . 29.81 20.31 6.34
O3 GOL I . 29.71 18.89 6.22
CL CL J . 40.15 -0.89 4.10
S SO4 K . 35.49 -8.74 22.79
O1 SO4 K . 36.12 -9.16 21.51
O2 SO4 K . 34.87 -7.39 22.70
O3 SO4 K . 34.43 -9.72 23.12
O4 SO4 K . 36.53 -8.71 23.84
AM AM L . 15.19 -14.60 11.70
C1 4OL M . 16.26 -14.66 7.06
C2 4OL M . 15.97 -13.36 7.75
C6 4OL M . 16.06 -10.97 7.84
C5 4OL M . 15.44 -11.00 9.09
C4 4OL M . 15.12 -12.22 9.71
C7 4OL M . 16.31 -12.15 7.16
C12 4OL M . 15.80 -17.01 6.63
C13 4OL M . 16.68 -17.99 7.40
C14 4OL M . 16.11 -18.17 8.81
C16 4OL M . 18.01 -18.59 10.20
C17 4OL M . 16.58 -20.47 9.65
C18 4OL M . 15.29 -20.55 10.49
C20 4OL M . 14.25 -20.87 12.78
C23 4OL M . 19.47 -16.92 9.14
C24 4OL M . 19.89 -15.64 8.88
C25 4OL M . 19.24 -14.57 9.48
C26 4OL M . 18.18 -14.79 10.35
O55 4OL M . 12.13 -19.92 11.31
C28 4OL M . 12.59 -19.17 12.18
C34 4OL M . 11.97 -17.80 12.26
C39 4OL M . 10.61 -17.66 12.52
C38 4OL M . 10.05 -16.39 12.56
C37 4OL M . 10.80 -15.26 12.30
C36 4OL M . 12.19 -15.37 12.06
O47 4OL M . 12.76 -14.28 11.84
N35 4OL M . 12.76 -16.67 11.99
O46 4OL M . 14.11 -17.05 11.68
N21 4OL M . 13.61 -19.56 12.96
C29 4OL M . 14.26 -18.76 14.01
C30 4OL M . 13.28 -18.55 15.15
C31 4OL M . 13.94 -17.93 16.37
N32 4OL M . 14.33 -16.56 16.06
C33 4OL M . 15.02 -15.81 16.90
O53 4OL M . 15.25 -16.12 18.06
C40 4OL M . 15.53 -14.50 16.41
N45 4OL M . 15.54 -14.25 15.03
O50 4OL M . 15.11 -15.24 14.12
C44 4OL M . 16.01 -12.99 14.55
O51 4OL M . 16.04 -12.72 13.32
C43 4OL M . 16.47 -12.05 15.47
C42 4OL M . 16.46 -12.34 16.83
C41 4OL M . 16.00 -13.55 17.30
C19 4OL M . 15.56 -20.66 11.99
N15 4OL M . 16.96 -19.06 9.57
O54 4OL M . 18.68 -19.30 10.91
C22 4OL M . 18.41 -17.16 10.01
N27 4OL M . 17.74 -16.09 10.62
O48 4OL M . 16.61 -16.27 11.51
O49 4OL M . 17.60 -13.83 10.91
N9 4OL M . 15.58 -15.77 7.37
O8 4OL M . 17.13 -14.66 6.22
N3 4OL M . 15.39 -13.40 9.01
O9 4OL M . 14.58 -12.24 10.85
O10 4OL M . 15.07 -14.68 9.54
S SO4 N . -7.78 -7.97 -3.11
O1 SO4 N . -8.14 -9.09 -4.01
O2 SO4 N . -7.90 -6.70 -3.84
O3 SO4 N . -8.75 -7.98 -1.99
O4 SO4 N . -6.37 -8.08 -2.67
CL CL O . 7.23 -14.26 10.69
AM AM P . 6.70 21.35 18.80
C1 4OL Q . 6.40 23.30 14.39
C2 4OL Q . 6.68 21.87 14.54
C6 4OL Q . 6.69 19.65 13.65
C5 4OL Q . 7.10 19.17 14.89
C4 4OL Q . 7.28 20.03 15.97
C7 4OL Q . 6.47 21.01 13.48
C12 4OL Q . 6.78 25.63 15.07
C13 4OL Q . 5.86 26.32 16.07
C14 4OL Q . 6.16 25.89 17.52
C16 4OL Q . 3.91 25.65 18.54
C17 4OL Q . 5.33 27.54 19.19
C18 4OL Q . 6.49 27.29 20.15
C20 4OL Q . 7.17 26.58 22.49
C23 4OL Q . 2.74 24.57 16.63
C24 4OL Q . 2.47 23.48 15.80
C25 4OL Q . 3.10 22.27 16.01
C26 4OL Q . 4.04 22.13 17.06
O55 4OL Q . 9.44 26.30 21.07
C28 4OL Q . 8.99 25.27 21.53
C34 4OL Q . 9.67 23.98 21.19
C39 4OL Q . 10.92 23.68 21.67
C38 4OL Q . 11.55 22.49 21.29
C37 4OL Q . 10.95 21.59 20.44
C36 4OL Q . 9.64 21.85 19.95
O47 4OL Q . 9.13 21.01 19.19
N35 4OL Q . 9.02 23.06 20.31
O46 4OL Q . 7.76 23.51 19.84
N21 4OL Q . 7.86 25.31 22.23
C29 4OL Q . 7.16 24.13 22.76
C30 4OL Q . 7.88 23.55 23.98
C31 4OL Q . 7.04 22.40 24.57
N32 4OL Q . 6.68 21.37 23.59
C33 4OL Q . 5.85 20.37 23.88
O53 4OL Q . 5.45 20.20 25.02
C40 4OL Q . 5.48 19.38 22.82
N45 4OL Q . 5.78 19.68 21.48
O50 4OL Q . 6.38 20.93 21.19
C44 4OL Q . 5.49 18.73 20.46
O51 4OL Q . 5.77 18.97 19.27
C43 4OL Q . 4.89 17.52 20.80
C42 4OL Q . 4.60 17.25 22.13
C41 4OL Q . 4.90 18.16 23.14
C19 4OL Q . 6.01 26.73 21.49
N15 4OL Q . 5.06 26.31 18.42
O54 4OL Q . 3.04 26.02 19.33
C22 4OL Q . 3.65 24.45 17.68
N27 4OL Q . 4.30 23.21 17.90
O48 4OL Q . 5.26 23.04 18.95
O49 4OL Q . 4.60 21.04 17.28
N9 4OL Q . 6.91 24.19 15.26
O8 4OL Q . 5.69 23.61 13.45
N3 4OL Q . 7.09 21.41 15.79
O9 4OL Q . 7.70 19.60 17.08
O10 4OL Q . 7.31 22.33 16.85
S SO4 R . 7.16 31.11 42.22
O1 SO4 R . 6.71 32.09 41.20
O2 SO4 R . 6.17 30.01 42.37
O3 SO4 R . 7.31 31.78 43.54
O4 SO4 R . 8.46 30.56 41.78
CL CL S . 14.68 21.26 19.19
AM AM T . -20.69 19.49 -0.10
C1 4OL U . -22.79 17.55 -3.82
C2 4OL U . -23.34 17.23 -2.48
C6 4OL U . -25.06 16.39 -1.04
C5 4OL U . -24.26 16.68 0.07
C4 4OL U . -22.99 17.26 -0.08
C7 4OL U . -24.60 16.66 -2.32
C12 4OL U . -20.88 17.89 -5.31
C13 4OL U . -20.41 19.31 -5.63
C14 4OL U . -19.44 19.80 -4.56
C16 4OL U . -20.00 22.19 -4.45
C17 4OL U . -17.88 21.47 -5.49
C18 4OL U . -16.75 21.07 -4.51
C20 4OL U . -15.34 21.80 -2.49
C23 4OL U . -22.49 22.02 -4.73
C24 4OL U . -23.75 21.68 -4.26
C25 4OL U . -23.88 21.13 -2.98
C26 4OL U . -22.76 20.89 -2.18
O55 4OL U . -15.01 19.16 -2.41
C28 4OL U . -15.62 19.62 -1.46
C34 4OL U . -16.17 18.68 -0.42
C39 4OL U . -15.36 17.89 0.34
C38 4OL U . -15.89 17.03 1.27
C37 4OL U . -17.26 16.94 1.46
C36 4OL U . -18.12 17.74 0.72
O47 4OL U . -19.34 17.63 0.92
N35 4OL U . -17.57 18.62 -0.23
O46 4OL U . -18.30 19.45 -1.10
N21 4OL U . -15.81 20.93 -1.40
C29 4OL U . -16.47 21.61 -0.28
C30 4OL U . -15.50 21.67 0.90
C31 4OL U . -16.03 22.58 2.01
N32 4OL U . -17.43 22.31 2.30
C33 4OL U . -18.16 23.04 3.16
O53 4OL U . -17.70 23.96 3.79
C40 4OL U . -19.59 22.65 3.40
N45 4OL U . -20.12 21.61 2.64
O50 4OL U . -19.27 21.00 1.65
C44 4OL U . -21.44 21.15 2.84
O51 4OL U . -21.91 20.22 2.15
C43 4OL U . -22.22 21.77 3.80
C42 4OL U . -21.68 22.80 4.57
C41 4OL U . -20.37 23.24 4.37
C19 4OL U . -16.53 22.12 -3.41
N15 4OL U . -19.15 21.21 -4.82
O54 4OL U . -19.69 23.36 -4.48
C22 4OL U . -21.36 21.82 -3.96
N27 4OL U . -21.48 21.26 -2.68
O48 4OL U . -20.30 21.07 -1.90
O49 4OL U . -22.89 20.40 -1.03
N9 4OL U . -21.46 17.71 -3.97
O8 4OL U . -23.60 17.67 -4.72
N3 4OL U . -22.53 17.53 -1.39
O9 4OL U . -22.31 17.49 0.94
O10 4OL U . -21.25 18.10 -1.71
CL CL V . -16.27 13.16 2.04
AM AM W . -23.87 7.57 -44.10
C1 4OL X . -21.16 10.53 -41.22
C2 4OL X . -20.52 9.57 -42.18
C6 4OL X . -18.61 8.76 -43.38
C5 4OL X . -19.36 7.72 -43.94
C4 4OL X . -20.72 7.62 -43.62
C7 4OL X . -19.18 9.66 -42.49
C12 4OL X . -22.98 11.09 -39.70
C13 4OL X . -24.19 11.83 -40.29
C14 4OL X . -25.24 10.86 -40.81
C16 4OL X . -26.22 12.12 -42.66
C17 4OL X . -27.61 11.66 -40.72
C18 4OL X . -28.16 10.21 -40.58
C20 4OL X . -29.75 8.45 -41.49
C23 4OL X . -24.12 13.20 -43.42
C24 4OL X . -22.87 13.15 -44.02
C25 4OL X . -22.39 11.96 -44.57
C26 4OL X . -23.16 10.80 -44.49
O55 4OL X . -28.16 7.07 -39.68
C28 4OL X . -28.05 6.80 -40.87
C34 4OL X . -27.04 5.75 -41.19
C39 4OL X . -27.19 4.46 -40.70
C38 4OL X . -26.21 3.52 -40.95
C37 4OL X . -25.08 3.85 -41.69
C36 4OL X . -24.89 5.15 -42.17
O47 4OL X . -23.84 5.37 -42.83
N35 4OL X . -25.89 6.12 -41.93
O46 4OL X . -25.84 7.50 -42.34
N21 4OL X . -28.75 7.44 -41.82
C29 4OL X . -28.55 7.24 -43.25
C30 4OL X . -29.32 6.00 -43.70
C31 4OL X . -29.38 5.94 -45.22
N32 4OL X . -28.05 6.01 -45.79
C33 4OL X . -27.83 5.87 -47.09
O53 4OL X . -28.74 5.58 -47.85
C40 4OL X . -26.47 6.06 -47.63
N45 4OL X . -25.46 6.46 -46.75
O50 4OL X . -25.80 6.67 -45.38
C44 4OL X . -24.16 6.63 -47.25
O51 4OL X . -23.27 7.00 -46.49
C43 4OL X . -23.87 6.46 -48.59
C42 4OL X . -24.90 6.05 -49.45
C41 4OL X . -26.19 5.85 -48.97
C19 4OL X . -29.11 9.82 -41.71
N15 4OL X . -26.34 11.60 -41.44
O54 4OL X . -27.14 12.63 -43.23
C22 4OL X . -24.89 12.06 -43.34
N27 4OL X . -24.43 10.84 -43.89
O48 4OL X . -25.24 9.67 -43.81
O49 4OL X . -22.75 9.76 -45.02
N9 4OL X . -22.33 10.21 -40.66
O8 4OL X . -20.60 11.59 -40.99
N3 4OL X . -21.29 8.55 -42.73
O9 4OL X . -21.39 6.70 -44.15
O10 4OL X . -22.65 8.48 -42.30
CL CL Y . -23.59 1.21 -39.22
AM AM Z . -32.36 -26.51 17.84
C1 4OL AA . -31.33 -30.36 15.09
C2 4OL AA . -30.34 -29.80 16.05
C6 4OL AA . -28.33 -29.98 17.31
C5 4OL AA . -28.50 -28.69 17.79
C4 4OL AA . -29.62 -27.94 17.40
C7 4OL AA . -29.23 -30.54 16.44
C12 4OL AA . -33.08 -30.08 13.42
C13 4OL AA . -34.49 -30.18 14.02
C14 4OL AA . -34.99 -28.79 14.49
C16 4OL AA . -36.44 -29.41 16.40
C17 4OL AA . -37.47 -28.46 14.40
C18 4OL AA . -37.39 -26.94 14.15
C20 4OL AA . -37.96 -24.60 14.98
C23 4OL AA . -35.17 -31.37 17.21
C24 4OL AA . -34.09 -31.93 17.88
C25 4OL AA . -33.11 -31.12 18.44
C26 4OL AA . -33.21 -29.73 18.32
O55 4OL AA . -35.83 -24.08 13.27
C28 4OL AA . -35.65 -23.91 14.47
C34 4OL AA . -34.26 -23.47 14.84
C39 4OL AA . -33.78 -22.26 14.40
C38 4OL AA . -32.46 -21.89 14.71
C37 4OL AA . -31.65 -22.74 15.46
C36 4OL AA . -32.13 -23.97 15.89
O47 4OL AA . -31.38 -24.72 16.52
N35 4OL AA . -33.45 -24.34 15.58
O46 4OL AA . -34.04 -25.59 15.94
N21 4OL AA . -36.61 -24.13 15.38
C29 4OL AA . -36.44 -24.00 16.83
C30 4OL AA . -36.30 -22.52 17.18
C31 4OL AA . -36.38 -22.32 18.69
N32 4OL AA . -35.34 -23.07 19.38
C33 4OL AA . -35.21 -23.11 20.69
O53 4OL AA . -35.95 -22.53 21.43
C40 4OL AA . -34.09 -23.87 21.31
N45 4OL AA . -33.30 -24.68 20.48
O50 4OL AA . -33.65 -24.71 19.10
C44 4OL AA . -32.23 -25.38 21.03
O51 4OL AA . -31.50 -26.08 20.32
C43 4OL AA . -31.96 -25.29 22.39
C42 4OL AA . -32.77 -24.50 23.20
C41 4OL AA . -33.85 -23.79 22.67
C19 4OL AA . -37.98 -26.10 15.29
N15 4OL AA . -36.29 -28.92 15.17
O54 4OL AA . -37.49 -29.39 17.01
C22 4OL AA . -35.28 -30.00 17.11
N27 4OL AA . -34.32 -29.15 17.69
O48 4OL AA . -34.43 -27.71 17.55
O49 4OL AA . -32.36 -28.99 18.85
N9 4OL AA . -32.12 -29.55 14.38
O8 4OL AA . -31.37 -31.58 14.97
N3 4OL AA . -30.54 -28.50 16.52
O9 4OL AA . -29.77 -26.79 17.85
O10 4OL AA . -31.68 -27.82 15.99
C1 GOL BA . -16.01 -8.25 0.40
O1 GOL BA . -15.18 -7.46 -0.43
C2 GOL BA . -15.19 -8.75 1.58
O2 GOL BA . -13.89 -8.15 1.55
C3 GOL BA . -15.92 -8.42 2.88
O3 GOL BA . -15.01 -8.51 3.99
CL CL CA . -28.97 -21.11 12.97
#